data_9W1P
#
_entry.id   9W1P
#
_cell.length_a   1.00
_cell.length_b   1.00
_cell.length_c   1.00
_cell.angle_alpha   90.00
_cell.angle_beta   90.00
_cell.angle_gamma   90.00
#
_symmetry.space_group_name_H-M   'P 1'
#
loop_
_entity.id
_entity.type
_entity.pdbx_description
1 polymer 'Glucose-6-phosphate exchanger SLC37A4,Soluble cytochrome b562'
2 non-polymer 6-O-phosphono-alpha-D-glucopyranose
#
_entity_poly.entity_id   1
_entity_poly.type   'polypeptide(L)'
_entity_poly.pdbx_seq_one_letter_code
;MAAQGYGYYRTVIFSAMFGGYSLYYFNRKTFSFVMPSLVEEIPLDKDDLGFITSSQSAAYAISKFVSGVLSDQMSARWLF
SSGLLLVGLVNIFFAWSSTVPVFAALWFLNGLAQGLGWPPCGKVLRKWFEPSQFGTWWAILSTSMNLAGGLGPILATILA
QSYSWRSTLALSGALCVVVSFLCLLLIHNEPADVGLRNLDPMPSEGKKGSLKEESTLQELLLSPYLWVLSTGYLVVFGVK
TCCTDWGQFFLIQEKGQSALVGSSYMSALEVGGLVGSIAAGYLSDRAMAKAGLSNYGNPRHGLLLFMMAGMTVSMYLFRV
TVTSDSPKLWILVLGAVFGFSSYGPIALFGVIANESAPPNLCGTSHAIVGLMANVGGFLAGLPFSTIAKHYSWSTAFWVA
EVICAASTAAFFLLRAEEEKRKAEEEKRKAEEEKRKADLEDNWETLNDNLKVIEKADNAAQVKDALTKMRAAALDAQKAT
PPKLEDKSPDSPEMKDFRHGFDILVGQIDDALKLANEGKVKEAQAAAEQLKTTRNAYIQKYLSNSLEVLFQ
;
_entity_poly.pdbx_strand_id   A,B
#
loop_
_chem_comp.id
_chem_comp.type
_chem_comp.name
_chem_comp.formula
G6P D-saccharide, alpha linking 6-O-phosphono-alpha-D-glucopyranose 'C6 H13 O9 P'
#
# COMPACT_ATOMS: atom_id res chain seq x y z
N GLY A 5 23.60 -10.02 -36.51
CA GLY A 5 24.30 -10.66 -35.42
C GLY A 5 23.53 -10.58 -34.11
N TYR A 6 24.14 -11.04 -33.02
CA TYR A 6 23.50 -10.97 -31.72
C TYR A 6 23.72 -9.61 -31.07
N GLY A 7 24.92 -9.05 -31.25
CA GLY A 7 25.25 -7.74 -30.72
C GLY A 7 24.44 -6.61 -31.33
N TYR A 8 23.98 -6.79 -32.57
CA TYR A 8 23.12 -5.80 -33.19
C TYR A 8 21.79 -5.67 -32.46
N TYR A 9 21.10 -6.79 -32.25
CA TYR A 9 19.86 -6.77 -31.48
C TYR A 9 20.10 -6.33 -30.04
N ARG A 10 21.24 -6.73 -29.48
CA ARG A 10 21.67 -6.29 -28.15
C ARG A 10 21.70 -4.77 -28.02
N THR A 11 22.48 -4.10 -28.88
CA THR A 11 22.63 -2.66 -28.71
C THR A 11 21.42 -1.88 -29.21
N VAL A 12 20.68 -2.40 -30.21
CA VAL A 12 19.49 -1.69 -30.67
C VAL A 12 18.38 -1.74 -29.62
N ILE A 13 18.14 -2.91 -29.04
CA ILE A 13 17.12 -3.03 -28.00
C ILE A 13 17.53 -2.30 -26.74
N PHE A 14 18.82 -2.27 -26.40
CA PHE A 14 19.20 -1.49 -25.23
C PHE A 14 19.11 0.01 -25.48
N SER A 15 19.41 0.47 -26.70
CA SER A 15 19.26 1.89 -26.98
C SER A 15 17.79 2.30 -27.00
N ALA A 16 16.92 1.39 -27.48
CA ALA A 16 15.49 1.67 -27.46
C ALA A 16 14.94 1.72 -26.05
N MET A 17 15.37 0.80 -25.18
CA MET A 17 14.94 0.85 -23.78
C MET A 17 15.56 2.02 -23.03
N PHE A 18 16.77 2.43 -23.41
CA PHE A 18 17.41 3.57 -22.77
C PHE A 18 16.65 4.86 -23.10
N GLY A 19 16.35 5.07 -24.38
CA GLY A 19 15.54 6.22 -24.76
C GLY A 19 14.14 6.16 -24.20
N GLY A 20 13.55 4.96 -24.13
CA GLY A 20 12.20 4.83 -23.62
C GLY A 20 12.10 5.11 -22.14
N TYR A 21 12.96 4.48 -21.33
CA TYR A 21 12.91 4.72 -19.90
C TYR A 21 13.44 6.10 -19.53
N SER A 22 14.29 6.70 -20.38
CA SER A 22 14.65 8.11 -20.20
C SER A 22 13.45 9.01 -20.39
N LEU A 23 12.62 8.74 -21.41
CA LEU A 23 11.41 9.55 -21.56
C LEU A 23 10.38 9.24 -20.51
N TYR A 24 10.39 8.01 -19.97
CA TYR A 24 9.58 7.70 -18.80
C TYR A 24 9.94 8.57 -17.61
N TYR A 25 11.22 8.62 -17.23
CA TYR A 25 11.55 9.45 -16.07
C TYR A 25 11.44 10.93 -16.39
N PHE A 26 11.61 11.32 -17.66
CA PHE A 26 11.39 12.72 -18.01
C PHE A 26 9.92 13.10 -17.91
N ASN A 27 9.01 12.14 -18.09
CA ASN A 27 7.61 12.46 -17.87
C ASN A 27 7.08 12.00 -16.52
N ARG A 28 7.91 11.35 -15.71
CA ARG A 28 7.52 11.09 -14.33
C ARG A 28 7.59 12.37 -13.52
N LYS A 29 8.43 13.31 -13.94
CA LYS A 29 8.69 14.53 -13.18
C LYS A 29 8.44 15.79 -13.99
N THR A 30 7.69 15.71 -15.08
CA THR A 30 7.50 16.87 -15.98
C THR A 30 6.73 17.98 -15.28
N PHE A 31 5.74 17.64 -14.46
CA PHE A 31 5.04 18.63 -13.65
C PHE A 31 5.99 19.32 -12.68
N SER A 32 6.94 18.56 -12.13
CA SER A 32 7.94 19.15 -11.24
C SER A 32 8.89 20.08 -11.98
N PHE A 33 9.18 19.81 -13.25
CA PHE A 33 10.07 20.69 -13.99
C PHE A 33 9.36 21.87 -14.62
N VAL A 34 8.03 21.79 -14.76
CA VAL A 34 7.26 22.84 -15.40
C VAL A 34 6.47 23.66 -14.38
N MET A 35 6.60 23.30 -13.09
CA MET A 35 6.05 24.04 -11.94
C MET A 35 6.09 25.57 -11.97
N PRO A 36 7.23 26.27 -12.34
CA PRO A 36 7.19 27.74 -12.26
C PRO A 36 6.23 28.42 -13.22
N SER A 37 6.25 28.02 -14.49
CA SER A 37 5.32 28.61 -15.46
C SER A 37 3.88 28.18 -15.19
N LEU A 38 3.70 27.00 -14.60
CA LEU A 38 2.35 26.54 -14.29
C LEU A 38 1.75 27.31 -13.13
N VAL A 39 2.53 27.56 -12.06
CA VAL A 39 2.00 28.38 -10.98
C VAL A 39 2.01 29.86 -11.31
N GLU A 40 2.73 30.27 -12.37
CA GLU A 40 2.60 31.63 -12.85
C GLU A 40 1.31 31.81 -13.65
N GLU A 41 0.94 30.83 -14.46
CA GLU A 41 -0.24 30.99 -15.31
C GLU A 41 -1.53 30.77 -14.51
N ILE A 42 -1.57 29.75 -13.67
CA ILE A 42 -2.71 29.54 -12.77
C ILE A 42 -2.22 29.32 -11.34
N PRO A 43 -2.85 29.96 -10.35
CA PRO A 43 -2.37 29.78 -8.97
C PRO A 43 -2.78 28.43 -8.41
N LEU A 44 -1.82 27.73 -7.82
CA LEU A 44 -2.06 26.45 -7.16
C LEU A 44 -1.42 26.48 -5.77
N ASP A 45 -2.18 26.04 -4.78
CA ASP A 45 -1.72 25.99 -3.40
C ASP A 45 -0.63 24.91 -3.25
N LYS A 46 0.21 25.08 -2.24
CA LYS A 46 1.29 24.13 -1.97
C LYS A 46 0.75 22.76 -1.60
N ASP A 47 -0.39 22.72 -0.90
CA ASP A 47 -1.04 21.45 -0.61
C ASP A 47 -1.55 20.76 -1.88
N ASP A 48 -1.97 21.54 -2.88
CA ASP A 48 -2.39 20.95 -4.15
C ASP A 48 -1.21 20.37 -4.92
N LEU A 49 -0.06 21.04 -4.88
CA LEU A 49 1.12 20.55 -5.57
C LEU A 49 1.64 19.28 -4.91
N GLY A 50 1.72 19.29 -3.58
CA GLY A 50 2.06 18.07 -2.84
C GLY A 50 1.04 16.98 -3.02
N PHE A 51 -0.22 17.34 -3.25
CA PHE A 51 -1.25 16.36 -3.54
C PHE A 51 -1.08 15.72 -4.91
N ILE A 52 -0.73 16.51 -5.93
CA ILE A 52 -0.52 15.96 -7.26
C ILE A 52 0.70 15.02 -7.27
N THR A 53 1.78 15.44 -6.61
CA THR A 53 2.95 14.59 -6.51
C THR A 53 2.69 13.35 -5.64
N SER A 54 1.85 13.47 -4.61
CA SER A 54 1.53 12.33 -3.78
C SER A 54 0.59 11.36 -4.49
N SER A 55 -0.28 11.87 -5.37
CA SER A 55 -1.13 10.99 -6.16
C SER A 55 -0.32 10.22 -7.19
N GLN A 56 0.69 10.88 -7.78
CA GLN A 56 1.60 10.16 -8.66
C GLN A 56 2.40 9.12 -7.89
N SER A 57 2.83 9.46 -6.67
CA SER A 57 3.60 8.52 -5.86
C SER A 57 2.76 7.31 -5.46
N ALA A 58 1.47 7.53 -5.16
CA ALA A 58 0.60 6.41 -4.81
C ALA A 58 0.29 5.54 -6.02
N ALA A 59 0.05 6.15 -7.17
CA ALA A 59 -0.21 5.38 -8.38
C ALA A 59 1.02 4.61 -8.82
N TYR A 60 2.20 5.21 -8.68
CA TYR A 60 3.44 4.54 -9.02
C TYR A 60 3.75 3.41 -8.04
N ALA A 61 3.39 3.60 -6.76
CA ALA A 61 3.60 2.54 -5.77
C ALA A 61 2.68 1.35 -6.02
N ILE A 62 1.44 1.60 -6.45
CA ILE A 62 0.56 0.50 -6.83
C ILE A 62 1.06 -0.17 -8.10
N SER A 63 1.43 0.64 -9.09
CA SER A 63 1.73 0.11 -10.41
C SER A 63 3.10 -0.52 -10.52
N LYS A 64 4.00 -0.31 -9.55
CA LYS A 64 5.19 -1.16 -9.42
C LYS A 64 4.79 -2.63 -9.30
N PHE A 65 3.98 -2.95 -8.29
CA PHE A 65 3.62 -4.34 -8.04
C PHE A 65 2.69 -4.88 -9.13
N VAL A 66 1.72 -4.07 -9.55
CA VAL A 66 0.78 -4.52 -10.58
C VAL A 66 1.51 -4.71 -11.91
N SER A 67 2.48 -3.87 -12.23
CA SER A 67 3.23 -4.01 -13.47
C SER A 67 4.21 -5.16 -13.42
N GLY A 68 4.75 -5.49 -12.24
CA GLY A 68 5.56 -6.69 -12.13
C GLY A 68 4.76 -7.96 -12.38
N VAL A 69 3.57 -8.03 -11.75
CA VAL A 69 2.71 -9.19 -11.92
C VAL A 69 2.22 -9.31 -13.37
N LEU A 70 1.90 -8.18 -14.01
CA LEU A 70 1.48 -8.23 -15.40
C LEU A 70 2.64 -8.43 -16.38
N SER A 71 3.85 -7.99 -16.02
CA SER A 71 4.99 -8.16 -16.92
C SER A 71 5.52 -9.57 -16.90
N ASP A 72 5.21 -10.34 -15.85
CA ASP A 72 5.50 -11.77 -15.93
C ASP A 72 4.65 -12.47 -16.98
N GLN A 73 3.39 -12.07 -17.14
CA GLN A 73 2.48 -12.74 -18.06
C GLN A 73 2.48 -12.08 -19.44
N MET A 74 2.12 -10.79 -19.50
CA MET A 74 2.03 -10.09 -20.76
C MET A 74 3.43 -9.86 -21.34
N SER A 75 3.51 -9.83 -22.67
CA SER A 75 4.78 -9.60 -23.34
C SER A 75 5.30 -8.21 -23.04
N ALA A 76 6.62 -8.10 -22.94
CA ALA A 76 7.23 -6.88 -22.41
C ALA A 76 7.28 -5.75 -23.44
N ARG A 77 7.33 -6.10 -24.73
CA ARG A 77 7.35 -5.07 -25.77
C ARG A 77 6.06 -4.27 -25.79
N TRP A 78 4.92 -4.96 -25.91
CA TRP A 78 3.63 -4.29 -25.93
C TRP A 78 3.33 -3.60 -24.62
N LEU A 79 3.80 -4.14 -23.50
CA LEU A 79 3.54 -3.53 -22.21
C LEU A 79 4.32 -2.24 -22.04
N PHE A 80 5.62 -2.27 -22.40
CA PHE A 80 6.46 -1.08 -22.37
C PHE A 80 5.93 0.00 -23.30
N SER A 81 5.57 -0.38 -24.53
CA SER A 81 5.11 0.60 -25.50
C SER A 81 3.72 1.15 -25.16
N SER A 82 2.85 0.32 -24.60
CA SER A 82 1.54 0.82 -24.20
C SER A 82 1.64 1.72 -22.99
N GLY A 83 2.57 1.43 -22.07
CA GLY A 83 2.78 2.34 -20.95
C GLY A 83 3.33 3.69 -21.40
N LEU A 84 4.31 3.68 -22.32
CA LEU A 84 4.86 4.93 -22.82
C LEU A 84 3.84 5.69 -23.67
N LEU A 85 2.97 4.97 -24.37
CA LEU A 85 1.90 5.62 -25.12
C LEU A 85 0.88 6.27 -24.19
N LEU A 86 0.55 5.60 -23.08
CA LEU A 86 -0.34 6.21 -22.09
C LEU A 86 0.32 7.39 -21.41
N VAL A 87 1.64 7.34 -21.20
CA VAL A 87 2.39 8.50 -20.70
C VAL A 87 2.26 9.69 -21.65
N GLY A 88 2.44 9.44 -22.95
CA GLY A 88 2.35 10.52 -23.92
C GLY A 88 0.95 11.10 -24.05
N LEU A 89 -0.07 10.23 -24.10
CA LEU A 89 -1.44 10.70 -24.20
C LEU A 89 -1.90 11.38 -22.92
N VAL A 90 -1.42 10.93 -21.77
CA VAL A 90 -1.73 11.59 -20.51
C VAL A 90 -1.10 12.97 -20.45
N ASN A 91 0.14 13.13 -20.92
CA ASN A 91 0.75 14.46 -20.87
C ASN A 91 0.15 15.40 -21.90
N ILE A 92 -0.30 14.88 -23.05
CA ILE A 92 -1.04 15.73 -23.98
C ILE A 92 -2.37 16.16 -23.38
N PHE A 93 -3.09 15.23 -22.74
CA PHE A 93 -4.34 15.57 -22.08
C PHE A 93 -4.12 16.50 -20.88
N PHE A 94 -2.95 16.42 -20.26
CA PHE A 94 -2.57 17.33 -19.19
C PHE A 94 -2.35 18.72 -19.75
N ALA A 95 -1.77 18.81 -20.95
CA ALA A 95 -1.63 20.10 -21.61
C ALA A 95 -2.97 20.64 -22.09
N TRP A 96 -3.95 19.77 -22.35
CA TRP A 96 -5.26 20.30 -22.70
C TRP A 96 -5.99 20.90 -21.50
N SER A 97 -5.72 20.42 -20.30
CA SER A 97 -6.51 20.78 -19.13
C SER A 97 -5.93 22.00 -18.42
N SER A 98 -6.79 22.63 -17.60
CA SER A 98 -6.40 23.84 -16.87
C SER A 98 -6.95 23.89 -15.46
N THR A 99 -7.13 22.76 -14.79
CA THR A 99 -7.70 22.77 -13.45
C THR A 99 -7.13 21.62 -12.63
N VAL A 100 -7.22 21.76 -11.32
CA VAL A 100 -6.46 20.94 -10.37
C VAL A 100 -6.97 19.50 -10.21
N PRO A 101 -8.29 19.20 -10.11
CA PRO A 101 -8.66 17.77 -10.05
C PRO A 101 -8.41 17.01 -11.34
N VAL A 102 -8.51 17.66 -12.51
CA VAL A 102 -8.19 16.98 -13.75
C VAL A 102 -6.68 16.79 -13.87
N PHE A 103 -5.89 17.77 -13.38
CA PHE A 103 -4.45 17.58 -13.21
C PHE A 103 -4.13 16.37 -12.36
N ALA A 104 -4.88 16.19 -11.27
CA ALA A 104 -4.61 15.09 -10.35
C ALA A 104 -5.00 13.75 -10.95
N ALA A 105 -6.15 13.69 -11.64
CA ALA A 105 -6.59 12.43 -12.23
C ALA A 105 -5.70 12.00 -13.37
N LEU A 106 -5.35 12.94 -14.26
CA LEU A 106 -4.41 12.63 -15.35
C LEU A 106 -3.05 12.27 -14.81
N TRP A 107 -2.59 12.96 -13.77
CA TRP A 107 -1.28 12.65 -13.24
C TRP A 107 -1.27 11.35 -12.44
N PHE A 108 -2.44 10.93 -11.95
CA PHE A 108 -2.60 9.59 -11.40
C PHE A 108 -2.47 8.54 -12.48
N LEU A 109 -3.10 8.76 -13.65
CA LEU A 109 -2.92 7.83 -14.76
C LEU A 109 -1.47 7.82 -15.24
N ASN A 110 -0.79 8.96 -15.13
CA ASN A 110 0.64 9.00 -15.44
C ASN A 110 1.44 8.18 -14.44
N GLY A 111 1.06 8.22 -13.16
CA GLY A 111 1.74 7.40 -12.18
C GLY A 111 1.55 5.91 -12.42
N LEU A 112 0.36 5.52 -12.88
CA LEU A 112 0.11 4.14 -13.28
C LEU A 112 1.01 3.72 -14.44
N ALA A 113 1.09 4.55 -15.47
CA ALA A 113 1.90 4.16 -16.63
C ALA A 113 3.40 4.23 -16.32
N GLN A 114 3.81 5.12 -15.41
CA GLN A 114 5.19 5.14 -14.98
C GLN A 114 5.57 3.90 -14.20
N GLY A 115 4.62 3.36 -13.43
CA GLY A 115 4.84 2.05 -12.86
C GLY A 115 4.91 0.98 -13.93
N LEU A 116 4.16 1.16 -15.01
CA LEU A 116 4.13 0.16 -16.09
C LEU A 116 5.43 0.16 -16.89
N GLY A 117 6.21 1.23 -16.75
CA GLY A 117 7.43 1.36 -17.55
C GLY A 117 8.51 0.31 -17.28
N TRP A 118 9.01 0.25 -16.05
CA TRP A 118 10.25 -0.49 -15.75
C TRP A 118 10.25 -2.03 -15.80
N PRO A 119 9.26 -2.77 -15.26
CA PRO A 119 9.35 -4.26 -15.29
C PRO A 119 9.41 -4.88 -16.67
N PRO A 120 8.82 -4.29 -17.75
CA PRO A 120 9.20 -4.78 -19.09
C PRO A 120 10.67 -4.61 -19.43
N CYS A 121 11.31 -3.51 -19.02
CA CYS A 121 12.74 -3.37 -19.23
C CYS A 121 13.52 -4.41 -18.44
N GLY A 122 13.05 -4.73 -17.23
CA GLY A 122 13.70 -5.76 -16.45
C GLY A 122 13.60 -7.14 -17.11
N LYS A 123 12.43 -7.45 -17.66
CA LYS A 123 12.28 -8.74 -18.35
C LYS A 123 13.11 -8.80 -19.62
N VAL A 124 13.18 -7.71 -20.39
CA VAL A 124 13.94 -7.74 -21.63
C VAL A 124 15.45 -7.79 -21.34
N LEU A 125 15.91 -7.09 -20.30
CA LEU A 125 17.32 -7.18 -19.91
C LEU A 125 17.67 -8.57 -19.39
N ARG A 126 16.73 -9.25 -18.73
CA ARG A 126 17.00 -10.62 -18.31
C ARG A 126 17.08 -11.56 -19.50
N LYS A 127 16.18 -11.39 -20.47
CA LYS A 127 16.15 -12.31 -21.61
C LYS A 127 17.32 -12.12 -22.56
N TRP A 128 17.75 -10.88 -22.77
CA TRP A 128 18.79 -10.63 -23.77
C TRP A 128 20.20 -10.70 -23.24
N PHE A 129 20.41 -10.46 -21.95
CA PHE A 129 21.75 -10.33 -21.41
C PHE A 129 22.03 -11.48 -20.46
N GLU A 130 23.12 -12.20 -20.73
CA GLU A 130 23.59 -13.22 -19.81
C GLU A 130 24.10 -12.53 -18.54
N PRO A 131 24.11 -13.24 -17.39
CA PRO A 131 24.52 -12.58 -16.13
C PRO A 131 25.98 -12.12 -16.06
N SER A 132 26.81 -12.44 -17.06
CA SER A 132 28.12 -11.82 -17.16
C SER A 132 28.05 -10.33 -17.52
N GLN A 133 26.93 -9.87 -18.07
CA GLN A 133 26.75 -8.48 -18.42
C GLN A 133 25.47 -7.87 -17.89
N PHE A 134 24.63 -8.64 -17.19
CA PHE A 134 23.30 -8.17 -16.85
C PHE A 134 23.31 -7.07 -15.79
N GLY A 135 24.25 -7.14 -14.84
CA GLY A 135 24.29 -6.13 -13.79
C GLY A 135 24.74 -4.77 -14.29
N THR A 136 25.76 -4.75 -15.16
CA THR A 136 26.26 -3.46 -15.62
C THR A 136 25.30 -2.80 -16.60
N TRP A 137 24.53 -3.57 -17.37
CA TRP A 137 23.57 -2.92 -18.25
C TRP A 137 22.27 -2.61 -17.53
N TRP A 138 21.97 -3.33 -16.44
CA TRP A 138 20.94 -2.88 -15.51
C TRP A 138 21.32 -1.52 -14.93
N ALA A 139 22.59 -1.35 -14.57
CA ALA A 139 23.05 -0.08 -14.02
C ALA A 139 23.00 1.04 -15.05
N ILE A 140 23.44 0.78 -16.27
CA ILE A 140 23.40 1.79 -17.32
C ILE A 140 21.97 2.12 -17.72
N LEU A 141 21.05 1.16 -17.62
CA LEU A 141 19.66 1.46 -17.93
C LEU A 141 18.99 2.26 -16.83
N SER A 142 19.28 1.94 -15.56
CA SER A 142 18.76 2.76 -14.47
C SER A 142 19.48 4.10 -14.36
N THR A 143 20.62 4.27 -15.03
CA THR A 143 21.28 5.56 -15.13
C THR A 143 20.51 6.54 -16.01
N SER A 144 19.61 6.05 -16.88
CA SER A 144 18.76 6.96 -17.64
C SER A 144 17.79 7.73 -16.76
N MET A 145 17.44 7.18 -15.59
CA MET A 145 16.71 7.96 -14.59
C MET A 145 17.52 9.17 -14.14
N ASN A 146 18.80 8.97 -13.84
CA ASN A 146 19.65 10.10 -13.46
C ASN A 146 19.90 11.03 -14.64
N LEU A 147 19.91 10.50 -15.86
CA LEU A 147 20.09 11.34 -17.04
C LEU A 147 18.90 12.24 -17.27
N ALA A 148 17.68 11.70 -17.15
CA ALA A 148 16.50 12.52 -17.28
C ALA A 148 16.36 13.50 -16.12
N GLY A 149 16.75 13.10 -14.91
CA GLY A 149 16.74 14.04 -13.80
C GLY A 149 17.78 15.13 -13.90
N GLY A 150 18.88 14.85 -14.62
CA GLY A 150 19.90 15.87 -14.80
C GLY A 150 19.63 16.79 -15.97
N LEU A 151 18.97 16.29 -17.00
CA LEU A 151 18.56 17.13 -18.13
C LEU A 151 17.12 17.61 -18.01
N GLY A 152 16.49 17.37 -16.86
CA GLY A 152 15.18 17.89 -16.58
C GLY A 152 15.08 19.40 -16.53
N PRO A 153 15.71 20.04 -15.53
CA PRO A 153 15.59 21.50 -15.42
C PRO A 153 16.26 22.26 -16.54
N ILE A 154 17.30 21.71 -17.17
CA ILE A 154 17.97 22.40 -18.26
C ILE A 154 17.08 22.47 -19.49
N LEU A 155 16.59 21.31 -19.95
CA LEU A 155 15.68 21.29 -21.09
C LEU A 155 14.35 21.94 -20.76
N ALA A 156 13.93 21.90 -19.49
CA ALA A 156 12.70 22.56 -19.09
C ALA A 156 12.84 24.08 -19.17
N THR A 157 14.00 24.62 -18.75
CA THR A 157 14.22 26.06 -18.84
C THR A 157 14.36 26.50 -20.30
N ILE A 158 15.00 25.67 -21.12
CA ILE A 158 15.13 26.00 -22.55
C ILE A 158 13.77 25.97 -23.24
N LEU A 159 12.95 24.95 -22.97
CA LEU A 159 11.64 24.87 -23.61
C LEU A 159 10.65 25.88 -23.03
N ALA A 160 10.86 26.33 -21.79
CA ALA A 160 10.03 27.40 -21.26
C ALA A 160 10.44 28.76 -21.80
N GLN A 161 11.73 28.93 -22.11
CA GLN A 161 12.16 30.17 -22.75
C GLN A 161 11.73 30.23 -24.21
N SER A 162 11.68 29.08 -24.88
CA SER A 162 11.35 29.05 -26.30
C SER A 162 9.87 28.82 -26.57
N TYR A 163 9.17 28.09 -25.69
CA TYR A 163 7.75 27.81 -25.90
C TYR A 163 6.98 28.05 -24.61
N SER A 164 5.66 28.00 -24.73
CA SER A 164 4.79 28.00 -23.57
C SER A 164 4.76 26.61 -22.93
N TRP A 165 4.17 26.53 -21.75
CA TRP A 165 4.18 25.25 -21.05
C TRP A 165 3.14 24.29 -21.61
N ARG A 166 2.05 24.82 -22.18
CA ARG A 166 1.11 23.99 -22.93
C ARG A 166 1.81 23.30 -24.10
N SER A 167 2.54 24.09 -24.90
CA SER A 167 3.27 23.53 -26.03
C SER A 167 4.45 22.68 -25.57
N THR A 168 5.03 22.96 -24.41
CA THR A 168 6.10 22.13 -23.87
C THR A 168 5.61 20.73 -23.53
N LEU A 169 4.49 20.65 -22.82
CA LEU A 169 3.97 19.32 -22.50
C LEU A 169 3.34 18.65 -23.72
N ALA A 170 2.85 19.43 -24.69
CA ALA A 170 2.39 18.82 -25.93
C ALA A 170 3.54 18.21 -26.73
N LEU A 171 4.69 18.89 -26.75
CA LEU A 171 5.87 18.32 -27.41
C LEU A 171 6.41 17.13 -26.66
N SER A 172 6.36 17.13 -25.32
CA SER A 172 6.80 15.97 -24.56
C SER A 172 5.87 14.77 -24.79
N GLY A 173 4.57 15.02 -24.83
CA GLY A 173 3.63 13.93 -25.10
C GLY A 173 3.71 13.40 -26.52
N ALA A 174 3.93 14.29 -27.49
CA ALA A 174 4.09 13.86 -28.87
C ALA A 174 5.38 13.08 -29.07
N LEU A 175 6.45 13.52 -28.41
CA LEU A 175 7.71 12.80 -28.43
C LEU A 175 7.58 11.43 -27.81
N CYS A 176 6.83 11.31 -26.71
CA CYS A 176 6.65 10.00 -26.11
C CYS A 176 5.72 9.10 -26.91
N VAL A 177 4.76 9.67 -27.65
CA VAL A 177 3.94 8.83 -28.54
C VAL A 177 4.78 8.29 -29.71
N VAL A 178 5.59 9.16 -30.33
CA VAL A 178 6.45 8.72 -31.43
C VAL A 178 7.49 7.71 -30.97
N VAL A 179 8.08 7.94 -29.79
CA VAL A 179 9.06 6.99 -29.27
C VAL A 179 8.37 5.72 -28.77
N SER A 180 7.08 5.79 -28.40
CA SER A 180 6.38 4.55 -28.05
C SER A 180 6.11 3.70 -29.28
N PHE A 181 5.81 4.33 -30.43
CA PHE A 181 5.71 3.53 -31.64
C PHE A 181 7.07 3.01 -32.09
N LEU A 182 8.13 3.79 -31.88
CA LEU A 182 9.47 3.30 -32.23
C LEU A 182 9.93 2.20 -31.29
N CYS A 183 9.47 2.19 -30.04
CA CYS A 183 9.81 1.11 -29.12
C CYS A 183 8.93 -0.10 -29.29
N LEU A 184 7.74 0.07 -29.87
CA LEU A 184 7.02 -1.09 -30.38
C LEU A 184 7.72 -1.69 -31.58
N LEU A 185 8.35 -0.85 -32.40
CA LEU A 185 9.00 -1.35 -33.61
C LEU A 185 10.33 -2.03 -33.30
N LEU A 186 11.17 -1.42 -32.46
CA LEU A 186 12.57 -1.81 -32.33
C LEU A 186 12.85 -2.86 -31.27
N ILE A 187 12.10 -2.86 -30.17
CA ILE A 187 12.35 -3.80 -29.08
C ILE A 187 11.91 -5.19 -29.49
N HIS A 188 12.69 -6.20 -29.11
CA HIS A 188 12.26 -7.59 -29.20
C HIS A 188 12.35 -8.21 -27.82
N ASN A 189 11.44 -9.15 -27.54
CA ASN A 189 11.35 -9.73 -26.21
C ASN A 189 12.52 -10.66 -25.93
N GLU A 190 12.65 -11.71 -26.71
CA GLU A 190 13.62 -12.77 -26.54
C GLU A 190 14.33 -13.04 -27.85
N PRO A 191 15.52 -13.64 -27.83
CA PRO A 191 16.20 -13.96 -29.09
C PRO A 191 15.48 -14.99 -29.94
N ALA A 192 14.63 -15.83 -29.35
CA ALA A 192 13.85 -16.79 -30.13
C ALA A 192 12.82 -16.10 -31.02
N ASP A 193 12.48 -14.84 -30.74
CA ASP A 193 11.65 -14.08 -31.64
C ASP A 193 12.39 -13.70 -32.93
N VAL A 194 13.71 -13.50 -32.85
CA VAL A 194 14.44 -13.00 -34.00
C VAL A 194 15.30 -14.08 -34.65
N GLY A 195 15.08 -15.34 -34.29
CA GLY A 195 15.85 -16.43 -34.87
C GLY A 195 17.18 -16.68 -34.22
N LEU A 196 17.54 -15.94 -33.17
CA LEU A 196 18.78 -16.18 -32.47
C LEU A 196 18.57 -17.22 -31.37
N ARG A 197 19.67 -17.67 -30.79
CA ARG A 197 19.64 -18.69 -29.75
C ARG A 197 19.18 -18.06 -28.45
N ASN A 198 18.05 -18.54 -27.93
CA ASN A 198 17.56 -18.05 -26.65
C ASN A 198 18.36 -18.68 -25.53
N LEU A 199 18.72 -17.88 -24.53
CA LEU A 199 19.58 -18.36 -23.45
C LEU A 199 18.77 -18.77 -22.21
N SER A 215 8.88 -22.92 -12.55
CA SER A 215 8.52 -22.92 -11.14
C SER A 215 7.21 -22.18 -10.92
N THR A 216 6.57 -22.43 -9.78
CA THR A 216 5.30 -21.82 -9.46
C THR A 216 5.48 -20.60 -8.56
N LEU A 217 4.41 -19.81 -8.46
CA LEU A 217 4.44 -18.61 -7.65
C LEU A 217 4.51 -18.92 -6.16
N GLN A 218 3.91 -20.04 -5.74
CA GLN A 218 3.96 -20.43 -4.34
C GLN A 218 5.38 -20.82 -3.93
N GLU A 219 6.15 -21.40 -4.85
CA GLU A 219 7.54 -21.70 -4.60
C GLU A 219 8.37 -20.43 -4.50
N LEU A 220 7.98 -19.38 -5.22
CA LEU A 220 8.67 -18.10 -5.11
C LEU A 220 8.35 -17.40 -3.81
N LEU A 221 7.07 -17.38 -3.41
CA LEU A 221 6.68 -16.72 -2.17
C LEU A 221 7.20 -17.46 -0.95
N LEU A 222 7.25 -18.79 -1.00
CA LEU A 222 7.79 -19.58 0.09
C LEU A 222 9.31 -19.68 0.07
N SER A 223 9.97 -19.07 -0.90
CA SER A 223 11.42 -19.09 -0.94
C SER A 223 11.97 -18.13 0.10
N PRO A 224 12.90 -18.56 0.95
CA PRO A 224 13.42 -17.65 1.98
C PRO A 224 14.43 -16.65 1.46
N TYR A 225 15.03 -16.91 0.29
CA TYR A 225 15.99 -15.97 -0.27
C TYR A 225 15.31 -14.68 -0.70
N LEU A 226 14.10 -14.79 -1.25
CA LEU A 226 13.33 -13.62 -1.63
C LEU A 226 12.95 -12.77 -0.42
N TRP A 227 12.64 -13.41 0.70
CA TRP A 227 12.24 -12.62 1.85
C TRP A 227 13.41 -12.07 2.64
N VAL A 228 14.57 -12.74 2.58
CA VAL A 228 15.73 -12.12 3.21
C VAL A 228 16.23 -10.98 2.32
N LEU A 229 16.01 -11.07 1.01
CA LEU A 229 16.30 -9.96 0.11
C LEU A 229 15.30 -8.83 0.31
N SER A 230 14.06 -9.19 0.63
CA SER A 230 13.02 -8.24 1.01
C SER A 230 13.41 -7.42 2.23
N THR A 231 13.83 -8.09 3.30
CA THR A 231 14.26 -7.36 4.50
C THR A 231 15.52 -6.54 4.25
N GLY A 232 16.43 -7.05 3.42
CA GLY A 232 17.62 -6.27 3.07
C GLY A 232 17.29 -5.00 2.30
N TYR A 233 16.36 -5.10 1.34
CA TYR A 233 16.01 -3.92 0.57
C TYR A 233 15.17 -2.96 1.39
N LEU A 234 14.40 -3.48 2.36
CA LEU A 234 13.69 -2.60 3.30
C LEU A 234 14.68 -1.79 4.12
N VAL A 235 15.71 -2.45 4.66
CA VAL A 235 16.72 -1.76 5.47
C VAL A 235 17.50 -0.76 4.63
N VAL A 236 17.96 -1.16 3.45
CA VAL A 236 18.81 -0.30 2.63
C VAL A 236 18.02 0.87 2.06
N PHE A 237 16.79 0.64 1.59
CA PHE A 237 16.01 1.74 1.07
C PHE A 237 15.49 2.64 2.18
N GLY A 238 15.29 2.10 3.39
CA GLY A 238 14.97 2.96 4.52
C GLY A 238 16.11 3.87 4.90
N VAL A 239 17.35 3.35 4.92
CA VAL A 239 18.51 4.17 5.24
C VAL A 239 18.76 5.21 4.14
N LYS A 240 18.58 4.81 2.88
CA LYS A 240 18.69 5.74 1.76
C LYS A 240 17.66 6.85 1.85
N THR A 241 16.40 6.51 2.17
CA THR A 241 15.36 7.53 2.26
C THR A 241 15.58 8.44 3.47
N CYS A 242 16.07 7.88 4.58
CA CYS A 242 16.40 8.67 5.76
C CYS A 242 17.49 9.69 5.46
N CYS A 243 18.60 9.26 4.88
CA CYS A 243 19.68 10.21 4.64
C CYS A 243 19.35 11.17 3.51
N THR A 244 18.70 10.70 2.44
CA THR A 244 18.37 11.57 1.32
C THR A 244 17.31 12.61 1.70
N ASP A 245 16.40 12.28 2.61
CA ASP A 245 15.42 13.27 3.02
C ASP A 245 15.84 14.11 4.21
N TRP A 246 16.79 13.63 5.03
CA TRP A 246 17.04 14.30 6.29
C TRP A 246 18.51 14.60 6.57
N GLY A 247 19.40 14.44 5.59
CA GLY A 247 20.78 14.82 5.82
C GLY A 247 20.96 16.32 5.87
N GLN A 248 20.21 17.05 5.03
CA GLN A 248 20.20 18.50 5.08
C GLN A 248 19.68 18.99 6.43
N PHE A 249 18.60 18.38 6.93
CA PHE A 249 18.08 18.77 8.23
C PHE A 249 18.99 18.34 9.39
N PHE A 250 19.79 17.30 9.19
CA PHE A 250 20.75 16.89 10.21
C PHE A 250 21.98 17.77 10.22
N LEU A 251 22.28 18.43 9.09
CA LEU A 251 23.45 19.31 9.02
C LEU A 251 23.13 20.77 9.29
N ILE A 252 21.93 21.24 8.95
CA ILE A 252 21.57 22.62 9.26
C ILE A 252 21.30 22.78 10.74
N GLN A 253 20.51 21.88 11.32
CA GLN A 253 19.94 22.14 12.62
C GLN A 253 20.88 21.74 13.75
N GLU A 254 21.28 20.47 13.80
CA GLU A 254 22.05 20.04 14.96
C GLU A 254 23.53 20.39 14.84
N LYS A 255 24.15 20.08 13.71
CA LYS A 255 25.58 20.27 13.58
C LYS A 255 25.98 21.65 13.07
N GLY A 256 25.01 22.48 12.68
CA GLY A 256 25.29 23.88 12.41
C GLY A 256 26.03 24.18 11.14
N GLN A 257 26.02 23.29 10.16
CA GLN A 257 26.60 23.59 8.87
C GLN A 257 25.68 24.52 8.08
N SER A 258 26.22 25.13 7.03
CA SER A 258 25.45 26.11 6.29
C SER A 258 24.65 25.44 5.17
N ALA A 259 23.74 26.22 4.57
CA ALA A 259 22.83 25.69 3.56
C ALA A 259 23.56 25.38 2.25
N LEU A 260 24.63 26.11 1.96
CA LEU A 260 25.48 25.74 0.83
C LEU A 260 26.16 24.40 1.07
N VAL A 261 26.59 24.14 2.31
CA VAL A 261 27.22 22.87 2.64
C VAL A 261 26.21 21.73 2.57
N GLY A 262 24.98 21.97 3.02
CA GLY A 262 23.95 20.94 2.92
C GLY A 262 23.53 20.64 1.50
N SER A 263 23.40 21.68 0.66
CA SER A 263 23.02 21.46 -0.73
C SER A 263 24.15 20.78 -1.51
N SER A 264 25.40 21.18 -1.26
CA SER A 264 26.51 20.51 -1.91
C SER A 264 26.71 19.10 -1.37
N TYR A 265 26.35 18.86 -0.11
CA TYR A 265 26.33 17.50 0.44
C TYR A 265 25.33 16.63 -0.30
N MET A 266 24.13 17.16 -0.56
CA MET A 266 23.12 16.35 -1.23
C MET A 266 23.49 16.12 -2.70
N SER A 267 24.12 17.11 -3.34
CA SER A 267 24.60 16.91 -4.70
C SER A 267 25.74 15.90 -4.75
N ALA A 268 26.62 15.92 -3.74
CA ALA A 268 27.69 14.94 -3.66
C ALA A 268 27.15 13.56 -3.37
N LEU A 269 26.07 13.46 -2.59
CA LEU A 269 25.45 12.16 -2.36
C LEU A 269 24.79 11.63 -3.64
N GLU A 270 24.22 12.51 -4.45
CA GLU A 270 23.63 12.06 -5.72
C GLU A 270 24.71 11.62 -6.70
N VAL A 271 25.83 12.35 -6.78
CA VAL A 271 26.92 11.97 -7.68
C VAL A 271 27.58 10.68 -7.21
N GLY A 272 27.82 10.55 -5.90
CA GLY A 272 28.33 9.30 -5.36
C GLY A 272 27.38 8.15 -5.54
N GLY A 273 26.07 8.42 -5.54
CA GLY A 273 25.11 7.36 -5.79
C GLY A 273 25.06 6.93 -7.24
N LEU A 274 25.24 7.87 -8.16
CA LEU A 274 25.36 7.52 -9.58
C LEU A 274 26.58 6.64 -9.82
N VAL A 275 27.73 7.03 -9.27
CA VAL A 275 28.94 6.21 -9.36
C VAL A 275 28.75 4.89 -8.62
N GLY A 276 27.95 4.89 -7.56
CA GLY A 276 27.70 3.65 -6.84
C GLY A 276 26.86 2.65 -7.61
N SER A 277 25.84 3.14 -8.32
CA SER A 277 25.05 2.25 -9.18
C SER A 277 25.89 1.71 -10.33
N ILE A 278 26.67 2.58 -10.99
CA ILE A 278 27.50 2.15 -12.11
C ILE A 278 28.57 1.14 -11.67
N ALA A 279 29.31 1.47 -10.61
CA ALA A 279 30.38 0.58 -10.16
C ALA A 279 29.83 -0.65 -9.47
N ALA A 280 28.62 -0.58 -8.91
CA ALA A 280 27.99 -1.78 -8.37
C ALA A 280 27.65 -2.76 -9.47
N GLY A 281 27.03 -2.27 -10.56
CA GLY A 281 26.75 -3.13 -11.70
C GLY A 281 28.02 -3.69 -12.34
N TYR A 282 29.03 -2.84 -12.51
CA TYR A 282 30.23 -3.29 -13.22
C TYR A 282 31.08 -4.23 -12.37
N LEU A 283 31.31 -3.90 -11.10
CA LEU A 283 32.08 -4.79 -10.23
C LEU A 283 31.31 -6.06 -9.90
N SER A 284 29.97 -6.00 -9.93
CA SER A 284 29.20 -7.21 -9.74
C SER A 284 29.30 -8.14 -10.94
N ASP A 285 29.31 -7.57 -12.15
CA ASP A 285 29.50 -8.44 -13.31
C ASP A 285 30.94 -8.91 -13.44
N ARG A 286 31.90 -8.14 -12.94
CA ARG A 286 33.27 -8.64 -12.86
C ARG A 286 33.37 -9.81 -11.89
N ALA A 287 32.71 -9.71 -10.73
CA ALA A 287 32.69 -10.82 -9.78
C ALA A 287 31.89 -12.01 -10.30
N MET A 288 30.91 -11.76 -11.17
CA MET A 288 30.15 -12.86 -11.77
C MET A 288 30.96 -13.58 -12.84
N ALA A 289 31.68 -12.83 -13.67
CA ALA A 289 32.48 -13.47 -14.71
C ALA A 289 33.75 -14.10 -14.15
N LYS A 290 34.26 -13.58 -13.02
CA LYS A 290 35.43 -14.19 -12.41
C LYS A 290 35.09 -15.48 -11.67
N ALA A 291 33.82 -15.67 -11.32
CA ALA A 291 33.39 -16.90 -10.65
C ALA A 291 32.24 -17.57 -11.40
N TYR A 296 30.45 -21.10 -4.73
CA TYR A 296 30.51 -20.47 -3.42
C TYR A 296 29.25 -19.63 -3.17
N GLY A 297 28.15 -20.05 -3.77
CA GLY A 297 26.92 -19.28 -3.66
C GLY A 297 26.84 -18.19 -4.71
N ASN A 298 26.09 -17.15 -4.38
CA ASN A 298 25.86 -16.05 -5.31
C ASN A 298 27.09 -15.14 -5.35
N PRO A 299 27.66 -14.88 -6.53
CA PRO A 299 28.82 -13.98 -6.60
C PRO A 299 28.50 -12.51 -6.40
N ARG A 300 27.22 -12.13 -6.35
CA ARG A 300 26.84 -10.75 -6.14
C ARG A 300 26.72 -10.37 -4.68
N HIS A 301 27.09 -11.26 -3.76
CA HIS A 301 26.97 -10.96 -2.34
C HIS A 301 28.23 -10.32 -1.77
N GLY A 302 29.39 -10.67 -2.32
CA GLY A 302 30.64 -10.13 -1.80
C GLY A 302 30.82 -8.66 -2.06
N LEU A 303 30.15 -8.13 -3.06
CA LEU A 303 30.12 -6.69 -3.30
C LEU A 303 28.99 -6.02 -2.52
N LEU A 304 27.85 -6.69 -2.44
CA LEU A 304 26.66 -6.14 -1.80
C LEU A 304 26.85 -5.95 -0.30
N LEU A 305 27.42 -6.94 0.38
CA LEU A 305 27.62 -6.79 1.81
C LEU A 305 28.78 -5.85 2.12
N PHE A 306 29.77 -5.77 1.23
CA PHE A 306 30.81 -4.76 1.42
C PHE A 306 30.26 -3.36 1.24
N MET A 307 29.27 -3.20 0.37
CA MET A 307 28.64 -1.89 0.22
C MET A 307 27.70 -1.57 1.38
N MET A 308 27.05 -2.57 1.96
CA MET A 308 26.28 -2.26 3.17
C MET A 308 27.18 -1.96 4.36
N ALA A 309 28.35 -2.60 4.42
CA ALA A 309 29.33 -2.25 5.45
C ALA A 309 29.87 -0.85 5.25
N GLY A 310 30.11 -0.46 3.99
CA GLY A 310 30.51 0.91 3.71
C GLY A 310 29.41 1.91 4.02
N MET A 311 28.15 1.53 3.84
CA MET A 311 27.03 2.36 4.27
C MET A 311 27.04 2.59 5.77
N THR A 312 27.23 1.53 6.55
CA THR A 312 27.24 1.66 8.01
C THR A 312 28.45 2.46 8.50
N VAL A 313 29.62 2.24 7.90
CA VAL A 313 30.82 3.01 8.26
C VAL A 313 30.65 4.48 7.90
N SER A 314 30.04 4.77 6.74
CA SER A 314 29.83 6.16 6.35
C SER A 314 28.79 6.84 7.24
N MET A 315 27.79 6.10 7.71
CA MET A 315 26.84 6.70 8.64
C MET A 315 27.47 6.95 10.00
N TYR A 316 28.36 6.05 10.46
CA TYR A 316 29.06 6.28 11.71
C TYR A 316 29.96 7.50 11.63
N LEU A 317 30.73 7.61 10.54
CA LEU A 317 31.60 8.76 10.35
C LEU A 317 30.81 10.05 10.16
N PHE A 318 29.61 9.96 9.59
CA PHE A 318 28.80 11.15 9.39
C PHE A 318 28.09 11.57 10.67
N ARG A 319 27.79 10.63 11.55
CA ARG A 319 27.10 10.99 12.78
C ARG A 319 28.08 11.46 13.84
N VAL A 320 29.27 10.88 13.89
CA VAL A 320 30.18 11.14 15.01
C VAL A 320 31.27 12.14 14.65
N THR A 321 31.89 12.00 13.48
CA THR A 321 33.08 12.78 13.18
C THR A 321 32.75 14.17 12.63
N VAL A 322 31.61 14.31 11.95
CA VAL A 322 31.19 15.62 11.46
C VAL A 322 30.78 16.50 12.63
N THR A 323 31.34 17.71 12.69
CA THR A 323 31.05 18.65 13.77
C THR A 323 30.81 20.00 13.11
N SER A 324 30.68 21.08 13.89
CA SER A 324 30.55 22.41 13.29
C SER A 324 31.86 22.87 12.64
N ASP A 325 33.00 22.41 13.15
CA ASP A 325 34.30 22.77 12.59
C ASP A 325 34.83 21.75 11.60
N SER A 326 34.00 20.81 11.16
CA SER A 326 34.47 19.82 10.19
C SER A 326 34.55 20.46 8.81
N PRO A 327 35.62 20.22 8.06
CA PRO A 327 35.80 20.89 6.77
C PRO A 327 34.83 20.40 5.71
N LYS A 328 34.77 21.18 4.62
CA LYS A 328 33.87 20.89 3.53
C LYS A 328 34.28 19.63 2.77
N LEU A 329 35.58 19.39 2.64
CA LEU A 329 36.07 18.26 1.87
C LEU A 329 35.71 16.94 2.55
N TRP A 330 35.78 16.89 3.89
CA TRP A 330 35.47 15.66 4.60
C TRP A 330 33.98 15.33 4.52
N ILE A 331 33.12 16.35 4.57
CA ILE A 331 31.70 16.06 4.53
C ILE A 331 31.25 15.73 3.11
N LEU A 332 31.94 16.26 2.09
CA LEU A 332 31.64 15.82 0.72
C LEU A 332 32.17 14.41 0.47
N VAL A 333 33.30 14.05 1.10
CA VAL A 333 33.79 12.67 1.03
C VAL A 333 32.81 11.71 1.68
N LEU A 334 32.23 12.09 2.83
CA LEU A 334 31.25 11.20 3.46
C LEU A 334 29.96 11.13 2.66
N GLY A 335 29.57 12.22 2.00
CA GLY A 335 28.44 12.15 1.09
C GLY A 335 28.68 11.23 -0.08
N ALA A 336 29.87 11.29 -0.67
CA ALA A 336 30.17 10.43 -1.82
C ALA A 336 30.35 8.97 -1.39
N VAL A 337 30.90 8.73 -0.21
CA VAL A 337 31.06 7.36 0.28
C VAL A 337 29.71 6.76 0.64
N PHE A 338 28.81 7.57 1.19
CA PHE A 338 27.46 7.05 1.45
C PHE A 338 26.69 6.85 0.14
N GLY A 339 26.91 7.71 -0.86
CA GLY A 339 26.24 7.52 -2.13
C GLY A 339 26.71 6.27 -2.85
N PHE A 340 28.04 6.06 -2.88
CA PHE A 340 28.63 4.85 -3.45
C PHE A 340 28.20 3.58 -2.71
N SER A 341 27.77 3.70 -1.46
CA SER A 341 27.40 2.55 -0.66
C SER A 341 25.92 2.47 -0.35
N SER A 342 25.09 3.30 -0.98
CA SER A 342 23.65 3.20 -0.78
C SER A 342 22.88 2.93 -2.07
N TYR A 343 23.17 3.67 -3.15
CA TYR A 343 22.47 3.36 -4.39
C TYR A 343 23.04 2.10 -5.02
N GLY A 344 24.28 1.76 -4.70
CA GLY A 344 24.89 0.49 -5.03
C GLY A 344 24.11 -0.73 -4.57
N PRO A 345 23.83 -0.85 -3.27
CA PRO A 345 22.99 -1.96 -2.81
C PRO A 345 21.57 -1.93 -3.34
N ILE A 346 21.02 -0.76 -3.66
CA ILE A 346 19.69 -0.72 -4.27
C ILE A 346 19.72 -1.31 -5.69
N ALA A 347 20.75 -0.94 -6.46
CA ALA A 347 20.92 -1.53 -7.79
C ALA A 347 21.21 -3.02 -7.72
N LEU A 348 21.99 -3.46 -6.73
CA LEU A 348 22.28 -4.88 -6.60
C LEU A 348 21.08 -5.67 -6.12
N PHE A 349 20.24 -5.08 -5.27
CA PHE A 349 19.00 -5.74 -4.88
C PHE A 349 18.04 -5.84 -6.05
N GLY A 350 18.04 -4.83 -6.92
CA GLY A 350 17.26 -4.94 -8.15
C GLY A 350 17.76 -6.04 -9.07
N VAL A 351 19.09 -6.13 -9.22
CA VAL A 351 19.69 -7.17 -10.06
C VAL A 351 19.41 -8.56 -9.50
N ILE A 352 19.61 -8.74 -8.19
CA ILE A 352 19.42 -10.04 -7.56
C ILE A 352 17.93 -10.41 -7.52
N ALA A 353 17.04 -9.42 -7.38
CA ALA A 353 15.62 -9.69 -7.44
C ALA A 353 15.18 -10.08 -8.84
N ASN A 354 15.76 -9.46 -9.87
CA ASN A 354 15.45 -9.88 -11.23
C ASN A 354 16.16 -11.18 -11.61
N GLU A 355 17.16 -11.59 -10.82
CA GLU A 355 18.02 -12.69 -11.19
C GLU A 355 17.73 -13.98 -10.43
N SER A 356 17.38 -13.90 -9.15
CA SER A 356 17.16 -15.10 -8.35
C SER A 356 15.89 -15.84 -8.72
N ALA A 357 14.97 -15.19 -9.38
CA ALA A 357 13.69 -15.78 -9.75
C ALA A 357 13.79 -16.46 -11.11
N PRO A 358 12.90 -17.40 -11.41
CA PRO A 358 12.83 -17.94 -12.78
C PRO A 358 12.40 -16.89 -13.77
N PRO A 359 12.70 -17.06 -15.07
CA PRO A 359 12.41 -16.00 -16.05
C PRO A 359 10.94 -15.72 -16.27
N ASN A 360 10.03 -16.60 -15.88
CA ASN A 360 8.61 -16.32 -15.94
C ASN A 360 8.06 -15.71 -14.67
N LEU A 361 8.88 -15.60 -13.61
CA LEU A 361 8.43 -15.06 -12.33
C LEU A 361 9.37 -13.97 -11.82
N CYS A 362 10.16 -13.38 -12.70
CA CYS A 362 11.14 -12.38 -12.28
C CYS A 362 10.49 -11.05 -11.93
N GLY A 363 9.46 -10.66 -12.69
CA GLY A 363 8.77 -9.42 -12.42
C GLY A 363 8.02 -9.43 -11.11
N THR A 364 7.54 -10.59 -10.67
CA THR A 364 6.92 -10.68 -9.35
C THR A 364 7.95 -10.48 -8.24
N SER A 365 9.16 -11.02 -8.42
CA SER A 365 10.22 -10.83 -7.44
C SER A 365 10.64 -9.37 -7.33
N HIS A 366 10.85 -8.72 -8.47
CA HIS A 366 11.18 -7.30 -8.44
C HIS A 366 10.01 -6.45 -7.97
N ALA A 367 8.78 -6.94 -8.15
CA ALA A 367 7.60 -6.23 -7.66
C ALA A 367 7.48 -6.33 -6.15
N ILE A 368 7.81 -7.47 -5.57
CA ILE A 368 7.83 -7.62 -4.12
C ILE A 368 8.92 -6.75 -3.50
N VAL A 369 10.07 -6.66 -4.19
CA VAL A 369 11.11 -5.74 -3.73
C VAL A 369 10.66 -4.27 -3.87
N GLY A 370 9.85 -3.93 -4.86
CA GLY A 370 9.26 -2.60 -4.91
C GLY A 370 8.23 -2.34 -3.82
N LEU A 371 7.51 -3.38 -3.42
CA LEU A 371 6.62 -3.27 -2.27
C LEU A 371 7.41 -3.00 -1.00
N MET A 372 8.60 -3.58 -0.91
CA MET A 372 9.48 -3.28 0.22
C MET A 372 10.06 -1.88 0.14
N ALA A 373 10.25 -1.35 -1.08
CA ALA A 373 10.59 0.06 -1.22
C ALA A 373 9.50 0.94 -0.63
N ASN A 374 8.24 0.60 -0.88
CA ASN A 374 7.14 1.39 -0.33
C ASN A 374 7.08 1.30 1.20
N VAL A 375 7.28 0.10 1.74
CA VAL A 375 7.25 -0.07 3.20
C VAL A 375 8.42 0.64 3.87
N GLY A 376 9.62 0.52 3.30
CA GLY A 376 10.77 1.21 3.86
C GLY A 376 10.70 2.72 3.71
N GLY A 377 10.09 3.20 2.63
CA GLY A 377 9.85 4.62 2.50
C GLY A 377 8.86 5.16 3.50
N PHE A 378 7.84 4.36 3.86
CA PHE A 378 6.96 4.76 4.94
C PHE A 378 7.68 4.78 6.28
N LEU A 379 8.43 3.72 6.60
CA LEU A 379 9.13 3.67 7.88
C LEU A 379 10.28 4.65 7.98
N ALA A 380 10.73 5.21 6.86
CA ALA A 380 11.80 6.18 6.86
C ALA A 380 11.33 7.62 6.72
N GLY A 381 10.15 7.85 6.14
CA GLY A 381 9.72 9.21 5.98
C GLY A 381 9.19 9.88 7.25
N LEU A 382 8.04 9.43 7.72
CA LEU A 382 7.35 10.10 8.82
C LEU A 382 7.76 9.70 10.25
N PRO A 383 7.97 8.42 10.61
CA PRO A 383 8.42 8.13 11.98
C PRO A 383 9.83 8.58 12.27
N PHE A 384 10.69 8.68 11.26
CA PHE A 384 12.04 9.19 11.48
C PHE A 384 12.03 10.64 11.89
N SER A 385 11.11 11.44 11.32
CA SER A 385 10.96 12.82 11.75
C SER A 385 10.43 12.91 13.18
N THR A 386 9.62 11.95 13.60
CA THR A 386 9.11 11.95 14.97
C THR A 386 10.19 11.59 15.98
N ILE A 387 10.99 10.56 15.67
CA ILE A 387 12.14 10.19 16.50
C ILE A 387 13.15 11.33 16.55
N ALA A 388 13.29 12.06 15.45
CA ALA A 388 14.22 13.19 15.42
C ALA A 388 13.68 14.37 16.22
N LYS A 389 12.38 14.61 16.14
CA LYS A 389 11.80 15.78 16.80
C LYS A 389 11.72 15.60 18.31
N HIS A 390 11.36 14.40 18.77
CA HIS A 390 11.18 14.22 20.21
C HIS A 390 12.49 14.01 20.94
N TYR A 391 13.41 13.24 20.38
CA TYR A 391 14.65 12.99 21.12
C TYR A 391 15.75 13.97 20.73
N SER A 392 16.22 13.86 19.49
CA SER A 392 17.24 14.69 18.83
C SER A 392 17.42 14.12 17.44
N TRP A 393 18.11 14.87 16.58
CA TRP A 393 18.45 14.36 15.26
C TRP A 393 19.50 13.27 15.33
N SER A 394 20.46 13.43 16.24
CA SER A 394 21.52 12.44 16.40
C SER A 394 20.98 11.12 16.92
N THR A 395 19.95 11.14 17.76
CA THR A 395 19.33 9.91 18.22
C THR A 395 18.60 9.22 17.07
N ALA A 396 18.02 9.99 16.16
CA ALA A 396 17.32 9.40 15.02
C ALA A 396 18.29 8.73 14.05
N PHE A 397 19.37 9.42 13.68
CA PHE A 397 20.37 8.78 12.84
C PHE A 397 21.13 7.68 13.57
N TRP A 398 21.18 7.71 14.90
CA TRP A 398 21.72 6.57 15.63
C TRP A 398 20.79 5.37 15.54
N VAL A 399 19.47 5.60 15.56
CA VAL A 399 18.52 4.50 15.38
C VAL A 399 18.64 3.90 13.97
N ALA A 400 18.77 4.77 12.96
CA ALA A 400 18.95 4.28 11.59
C ALA A 400 20.26 3.53 11.41
N GLU A 401 21.33 4.02 12.05
CA GLU A 401 22.63 3.35 12.00
C GLU A 401 22.59 2.01 12.74
N VAL A 402 21.89 1.94 13.87
CA VAL A 402 21.81 0.69 14.62
C VAL A 402 20.99 -0.35 13.86
N ILE A 403 19.90 0.07 13.21
CA ILE A 403 19.11 -0.86 12.40
C ILE A 403 19.92 -1.35 11.20
N CYS A 404 20.66 -0.44 10.55
CA CYS A 404 21.49 -0.84 9.42
C CYS A 404 22.66 -1.72 9.85
N ALA A 405 23.27 -1.44 10.99
CA ALA A 405 24.41 -2.23 11.45
C ALA A 405 23.98 -3.61 11.92
N ALA A 406 22.84 -3.69 12.62
CA ALA A 406 22.30 -4.98 13.02
C ALA A 406 21.90 -5.81 11.82
N SER A 407 21.32 -5.17 10.80
CA SER A 407 20.95 -5.88 9.58
C SER A 407 22.17 -6.37 8.82
N THR A 408 23.18 -5.51 8.67
CA THR A 408 24.39 -5.88 7.92
C THR A 408 25.18 -6.98 8.65
N ALA A 409 25.31 -6.88 9.98
CA ALA A 409 25.90 -7.96 10.74
C ALA A 409 25.10 -9.25 10.65
N ALA A 410 23.77 -9.13 10.56
CA ALA A 410 22.94 -10.32 10.36
C ALA A 410 23.20 -10.93 9.00
N PHE A 411 23.43 -10.12 7.98
CA PHE A 411 23.70 -10.71 6.66
C PHE A 411 25.09 -11.34 6.60
N PHE A 412 26.07 -10.76 7.28
CA PHE A 412 27.38 -11.42 7.35
C PHE A 412 27.30 -12.74 8.09
N LEU A 413 26.51 -12.79 9.17
CA LEU A 413 26.29 -14.06 9.86
C LEU A 413 25.54 -15.06 8.98
N LEU A 414 24.58 -14.59 8.19
CA LEU A 414 23.82 -15.51 7.33
C LEU A 414 24.68 -16.09 6.21
N ARG A 415 25.47 -15.27 5.53
CA ARG A 415 26.27 -15.83 4.47
C ARG A 415 27.48 -16.62 5.00
N ALA A 416 27.96 -16.31 6.21
CA ALA A 416 28.96 -17.16 6.82
C ALA A 416 28.36 -18.52 7.22
N GLU A 417 27.11 -18.51 7.68
CA GLU A 417 26.41 -19.76 7.97
C GLU A 417 26.17 -20.57 6.70
N GLU A 418 25.88 -19.89 5.58
CA GLU A 418 25.66 -20.62 4.34
C GLU A 418 26.96 -21.15 3.75
N GLU A 419 28.08 -20.45 3.96
CA GLU A 419 29.38 -21.03 3.63
C GLU A 419 29.67 -22.25 4.50
N LYS A 420 29.26 -22.21 5.78
CA LYS A 420 29.40 -23.38 6.63
C LYS A 420 28.53 -24.53 6.16
N ARG A 421 27.32 -24.24 5.64
CA ARG A 421 26.46 -25.29 5.13
C ARG A 421 27.01 -25.90 3.85
N LYS A 422 27.56 -25.06 2.96
CA LYS A 422 28.18 -25.58 1.75
C LYS A 422 29.50 -26.30 2.04
N ALA A 423 30.13 -26.04 3.19
CA ALA A 423 31.25 -26.86 3.61
C ALA A 423 30.80 -28.17 4.25
N GLU A 424 29.67 -28.16 4.97
CA GLU A 424 29.21 -29.39 5.62
C GLU A 424 28.58 -30.36 4.64
N GLU A 425 28.04 -29.88 3.53
CA GLU A 425 27.49 -30.82 2.55
C GLU A 425 28.59 -31.58 1.80
N GLU A 426 29.82 -31.07 1.82
CA GLU A 426 30.94 -31.74 1.18
C GLU A 426 31.48 -32.87 2.06
N GLY B 5 -22.81 -32.27 20.83
CA GLY B 5 -23.50 -32.05 19.58
C GLY B 5 -22.73 -31.12 18.65
N TYR B 6 -23.34 -30.79 17.51
CA TYR B 6 -22.71 -29.86 16.58
C TYR B 6 -23.00 -28.41 16.97
N GLY B 7 -24.21 -28.15 17.46
CA GLY B 7 -24.59 -26.83 17.88
C GLY B 7 -23.83 -26.34 19.10
N TYR B 8 -23.35 -27.26 19.94
CA TYR B 8 -22.51 -26.89 21.08
C TYR B 8 -21.21 -26.27 20.62
N TYR B 9 -20.48 -26.96 19.74
CA TYR B 9 -19.24 -26.40 19.20
C TYR B 9 -19.51 -25.13 18.39
N ARG B 10 -20.65 -25.12 17.67
CA ARG B 10 -21.10 -23.93 16.95
C ARG B 10 -21.19 -22.69 17.84
N THR B 11 -21.98 -22.77 18.91
CA THR B 11 -22.19 -21.58 19.71
C THR B 11 -21.01 -21.27 20.63
N VAL B 12 -20.24 -22.28 21.05
CA VAL B 12 -19.07 -22.01 21.89
C VAL B 12 -17.97 -21.32 21.08
N ILE B 13 -17.70 -21.82 19.88
CA ILE B 13 -16.68 -21.20 19.04
C ILE B 13 -17.13 -19.83 18.54
N PHE B 14 -18.43 -19.64 18.28
CA PHE B 14 -18.85 -18.30 17.89
C PHE B 14 -18.80 -17.32 19.06
N SER B 15 -19.12 -17.77 20.28
CA SER B 15 -19.01 -16.87 21.43
C SER B 15 -17.56 -16.54 21.73
N ALA B 16 -16.65 -17.49 21.51
CA ALA B 16 -15.23 -17.23 21.71
C ALA B 16 -14.70 -16.25 20.68
N MET B 17 -15.11 -16.39 19.41
CA MET B 17 -14.68 -15.43 18.40
C MET B 17 -15.36 -14.08 18.57
N PHE B 18 -16.58 -14.06 19.11
CA PHE B 18 -17.27 -12.80 19.35
C PHE B 18 -16.57 -12.01 20.45
N GLY B 19 -16.25 -12.67 21.56
CA GLY B 19 -15.48 -12.02 22.61
C GLY B 19 -14.08 -11.65 22.17
N GLY B 20 -13.45 -12.50 21.36
CA GLY B 20 -12.10 -12.21 20.90
C GLY B 20 -12.03 -11.03 19.96
N TYR B 21 -12.86 -11.01 18.92
CA TYR B 21 -12.85 -9.90 17.99
C TYR B 21 -13.43 -8.62 18.61
N SER B 22 -14.29 -8.76 19.63
CA SER B 22 -14.71 -7.60 20.39
C SER B 22 -13.54 -6.98 21.14
N LEU B 23 -12.70 -7.81 21.76
CA LEU B 23 -11.52 -7.27 22.43
C LEU B 23 -10.48 -6.78 21.43
N TYR B 24 -10.46 -7.36 20.23
CA TYR B 24 -9.64 -6.80 19.15
C TYR B 24 -10.05 -5.38 18.81
N TYR B 25 -11.33 -5.15 18.53
CA TYR B 25 -11.70 -3.78 18.18
C TYR B 25 -11.64 -2.85 19.39
N PHE B 26 -11.81 -3.39 20.60
CA PHE B 26 -11.64 -2.55 21.78
C PHE B 26 -10.19 -2.14 21.97
N ASN B 27 -9.25 -2.96 21.52
CA ASN B 27 -7.86 -2.53 21.57
C ASN B 27 -7.33 -1.98 20.27
N ARG B 28 -8.13 -1.97 19.21
CA ARG B 28 -7.76 -1.26 18.00
C ARG B 28 -7.87 0.24 18.22
N LYS B 29 -8.75 0.65 19.13
CA LYS B 29 -9.06 2.06 19.33
C LYS B 29 -8.86 2.51 20.78
N THR B 30 -8.10 1.75 21.58
CA THR B 30 -7.94 2.07 23.01
C THR B 30 -7.22 3.39 23.22
N PHE B 31 -6.22 3.68 22.39
CA PHE B 31 -5.57 5.00 22.42
C PHE B 31 -6.56 6.11 22.12
N SER B 32 -7.48 5.86 21.19
CA SER B 32 -8.50 6.86 20.89
C SER B 32 -9.49 7.04 22.03
N PHE B 33 -9.75 6.01 22.83
CA PHE B 33 -10.67 6.16 23.94
C PHE B 33 -9.99 6.67 25.20
N VAL B 34 -8.66 6.56 25.28
CA VAL B 34 -7.92 6.97 26.46
C VAL B 34 -7.18 8.28 26.23
N MET B 35 -7.30 8.85 25.02
CA MET B 35 -6.80 10.17 24.62
C MET B 35 -6.90 11.31 25.64
N PRO B 36 -8.06 11.57 26.37
CA PRO B 36 -8.07 12.74 27.26
C PRO B 36 -7.13 12.65 28.44
N SER B 37 -7.13 11.53 29.16
CA SER B 37 -6.21 11.38 30.28
C SER B 37 -4.76 11.28 29.83
N LEU B 38 -4.54 10.78 28.61
CA LEU B 38 -3.18 10.67 28.10
C LEU B 38 -2.61 12.03 27.73
N VAL B 39 -3.41 12.89 27.08
CA VAL B 39 -2.94 14.24 26.79
C VAL B 39 -2.99 15.14 28.02
N GLU B 40 -3.71 14.74 29.06
CA GLU B 40 -3.63 15.46 30.32
C GLU B 40 -2.34 15.13 31.07
N GLU B 41 -1.92 13.86 31.04
CA GLU B 41 -0.74 13.47 31.81
C GLU B 41 0.54 13.87 31.09
N ILE B 42 0.62 13.65 29.78
CA ILE B 42 1.75 14.12 28.99
C ILE B 42 1.26 14.86 27.75
N PRO B 43 1.85 16.01 27.42
CA PRO B 43 1.37 16.77 26.25
C PRO B 43 1.82 16.11 24.95
N LEU B 44 0.88 15.93 24.03
CA LEU B 44 1.16 15.41 22.71
C LEU B 44 0.51 16.29 21.66
N ASP B 45 1.28 16.64 20.63
CA ASP B 45 0.81 17.48 19.55
C ASP B 45 -0.23 16.73 18.71
N LYS B 46 -1.10 17.49 18.05
CA LYS B 46 -2.14 16.90 17.20
C LYS B 46 -1.55 16.12 16.03
N ASP B 47 -0.41 16.57 15.50
CA ASP B 47 0.27 15.82 14.46
C ASP B 47 0.81 14.51 14.99
N ASP B 48 1.21 14.46 16.26
CA ASP B 48 1.68 13.20 16.84
C ASP B 48 0.53 12.21 17.04
N LEU B 49 -0.64 12.71 17.43
CA LEU B 49 -1.80 11.84 17.60
C LEU B 49 -2.29 11.29 16.27
N GLY B 50 -2.38 12.16 15.26
CA GLY B 50 -2.68 11.72 13.91
C GLY B 50 -1.61 10.79 13.35
N PHE B 51 -0.37 10.97 13.79
CA PHE B 51 0.70 10.07 13.38
C PHE B 51 0.56 8.69 14.00
N ILE B 52 0.19 8.61 15.28
CA ILE B 52 0.02 7.31 15.93
C ILE B 52 -1.16 6.56 15.30
N THR B 53 -2.26 7.26 15.07
CA THR B 53 -3.41 6.65 14.42
C THR B 53 -3.09 6.28 12.96
N SER B 54 -2.28 7.08 12.26
CA SER B 54 -1.92 6.75 10.89
C SER B 54 -0.93 5.59 10.82
N SER B 55 -0.08 5.44 11.84
CA SER B 55 0.80 4.29 11.87
C SER B 55 0.03 3.01 12.15
N GLN B 56 -0.98 3.08 13.02
CA GLN B 56 -1.86 1.93 13.19
C GLN B 56 -2.62 1.62 11.91
N SER B 57 -3.08 2.65 11.20
CA SER B 57 -3.82 2.45 9.96
C SER B 57 -2.94 1.81 8.90
N ALA B 58 -1.67 2.21 8.83
CA ALA B 58 -0.77 1.63 7.84
C ALA B 58 -0.40 0.19 8.19
N ALA B 59 -0.18 -0.08 9.48
CA ALA B 59 0.13 -1.46 9.89
C ALA B 59 -1.08 -2.36 9.71
N TYR B 60 -2.28 -1.86 9.97
CA TYR B 60 -3.49 -2.63 9.77
C TYR B 60 -3.76 -2.86 8.30
N ALA B 61 -3.42 -1.87 7.45
CA ALA B 61 -3.60 -2.04 6.01
C ALA B 61 -2.63 -3.06 5.44
N ILE B 62 -1.41 -3.11 5.95
CA ILE B 62 -0.47 -4.16 5.53
C ILE B 62 -0.93 -5.51 6.05
N SER B 63 -1.33 -5.56 7.33
CA SER B 63 -1.59 -6.83 7.98
C SER B 63 -2.94 -7.43 7.62
N LYS B 64 -3.86 -6.67 7.02
CA LYS B 64 -5.01 -7.28 6.34
C LYS B 64 -4.57 -8.30 5.30
N PHE B 65 -3.75 -7.86 4.34
CA PHE B 65 -3.33 -8.73 3.25
C PHE B 65 -2.39 -9.81 3.74
N VAL B 66 -1.43 -9.44 4.61
CA VAL B 66 -0.48 -10.42 5.12
C VAL B 66 -1.17 -11.47 5.99
N SER B 67 -2.18 -11.05 6.76
CA SER B 67 -2.90 -12.01 7.59
C SER B 67 -3.85 -12.87 6.79
N GLY B 68 -4.39 -12.37 5.68
CA GLY B 68 -5.15 -13.25 4.81
C GLY B 68 -4.30 -14.33 4.18
N VAL B 69 -3.12 -13.95 3.67
CA VAL B 69 -2.20 -14.91 3.06
C VAL B 69 -1.70 -15.92 4.10
N LEU B 70 -1.41 -15.47 5.32
CA LEU B 70 -0.97 -16.40 6.35
C LEU B 70 -2.12 -17.22 6.94
N SER B 71 -3.34 -16.70 6.94
CA SER B 71 -4.47 -17.45 7.48
C SER B 71 -4.95 -18.53 6.54
N ASP B 72 -4.62 -18.43 5.26
CA ASP B 72 -4.86 -19.57 4.37
C ASP B 72 -3.97 -20.75 4.74
N GLN B 73 -2.72 -20.50 5.14
CA GLN B 73 -1.79 -21.59 5.42
C GLN B 73 -1.79 -21.98 6.90
N MET B 74 -1.48 -21.04 7.78
CA MET B 74 -1.41 -21.32 9.20
C MET B 74 -2.80 -21.56 9.76
N SER B 75 -2.88 -22.41 10.80
CA SER B 75 -4.14 -22.73 11.43
C SER B 75 -4.72 -21.48 12.10
N ALA B 76 -6.05 -21.38 12.07
CA ALA B 76 -6.71 -20.14 12.46
C ALA B 76 -6.78 -19.96 13.96
N ARG B 77 -6.81 -21.05 14.72
CA ARG B 77 -6.86 -20.95 16.17
C ARG B 77 -5.60 -20.32 16.74
N TRP B 78 -4.44 -20.87 16.40
CA TRP B 78 -3.17 -20.34 16.87
C TRP B 78 -2.91 -18.95 16.32
N LEU B 79 -3.38 -18.65 15.12
CA LEU B 79 -3.15 -17.34 14.54
C LEU B 79 -3.98 -16.27 15.24
N PHE B 80 -5.26 -16.57 15.47
CA PHE B 80 -6.16 -15.69 16.21
C PHE B 80 -5.66 -15.46 17.63
N SER B 81 -5.27 -16.53 18.32
CA SER B 81 -4.84 -16.40 19.70
C SER B 81 -3.49 -15.72 19.82
N SER B 82 -2.57 -15.95 18.87
CA SER B 82 -1.29 -15.26 18.91
C SER B 82 -1.44 -13.79 18.58
N GLY B 83 -2.36 -13.44 17.68
CA GLY B 83 -2.63 -12.04 17.42
C GLY B 83 -3.22 -11.33 18.63
N LEU B 84 -4.18 -11.97 19.30
CA LEU B 84 -4.77 -11.35 20.49
C LEU B 84 -3.79 -11.30 21.64
N LEU B 85 -2.88 -12.27 21.73
CA LEU B 85 -1.82 -12.22 22.74
C LEU B 85 -0.84 -11.10 22.47
N LEU B 86 -0.50 -10.87 21.19
CA LEU B 86 0.35 -9.73 20.85
C LEU B 86 -0.35 -8.41 21.10
N VAL B 87 -1.68 -8.36 20.88
CA VAL B 87 -2.47 -7.19 21.24
C VAL B 87 -2.36 -6.90 22.74
N GLY B 88 -2.53 -7.94 23.57
CA GLY B 88 -2.47 -7.74 25.00
C GLY B 88 -1.09 -7.34 25.50
N LEU B 89 -0.04 -8.01 24.99
CA LEU B 89 1.31 -7.66 25.39
C LEU B 89 1.73 -6.30 24.88
N VAL B 90 1.26 -5.91 23.69
CA VAL B 90 1.53 -4.58 23.17
C VAL B 90 0.84 -3.51 24.02
N ASN B 91 -0.39 -3.74 24.45
CA ASN B 91 -1.05 -2.72 25.27
C ASN B 91 -0.48 -2.66 26.68
N ILE B 92 0.00 -3.78 27.22
CA ILE B 92 0.72 -3.71 28.50
C ILE B 92 2.02 -2.95 28.34
N PHE B 93 2.77 -3.22 27.25
CA PHE B 93 4.01 -2.48 27.00
C PHE B 93 3.74 -1.00 26.69
N PHE B 94 2.55 -0.70 26.15
CA PHE B 94 2.14 0.67 25.92
C PHE B 94 1.87 1.36 27.25
N ALA B 95 1.30 0.62 28.20
CA ALA B 95 1.11 1.16 29.54
C ALA B 95 2.44 1.31 30.28
N TRP B 96 3.45 0.52 29.94
CA TRP B 96 4.76 0.74 30.56
C TRP B 96 5.44 2.00 30.05
N SER B 97 5.17 2.41 28.82
CA SER B 97 5.94 3.47 28.19
C SER B 97 5.32 4.83 28.43
N SER B 98 6.14 5.88 28.23
CA SER B 98 5.70 7.25 28.46
C SER B 98 6.23 8.24 27.43
N THR B 99 6.44 7.82 26.18
CA THR B 99 7.00 8.71 25.18
C THR B 99 6.47 8.35 23.81
N VAL B 100 6.54 9.32 22.89
CA VAL B 100 5.80 9.28 21.63
C VAL B 100 6.37 8.31 20.58
N PRO B 101 7.69 8.19 20.34
CA PRO B 101 8.12 7.17 19.37
C PRO B 101 7.91 5.74 19.85
N VAL B 102 8.00 5.48 21.15
CA VAL B 102 7.71 4.15 21.66
C VAL B 102 6.21 3.87 21.60
N PHE B 103 5.39 4.89 21.84
CA PHE B 103 3.95 4.82 21.57
C PHE B 103 3.67 4.44 20.14
N ALA B 104 4.40 5.05 19.20
CA ALA B 104 4.18 4.79 17.78
C ALA B 104 4.63 3.40 17.38
N ALA B 105 5.77 2.95 17.88
CA ALA B 105 6.28 1.62 17.51
C ALA B 105 5.41 0.51 18.09
N LEU B 106 5.03 0.64 19.36
CA LEU B 106 4.12 -0.33 19.97
C LEU B 106 2.76 -0.30 19.31
N TRP B 107 2.26 0.87 18.96
CA TRP B 107 0.96 0.95 18.33
C TRP B 107 1.01 0.48 16.88
N PHE B 108 2.18 0.52 16.25
CA PHE B 108 2.39 -0.13 14.97
C PHE B 108 2.30 -1.65 15.11
N LEU B 109 2.94 -2.21 16.13
CA LEU B 109 2.80 -3.64 16.38
C LEU B 109 1.36 -4.02 16.71
N ASN B 110 0.63 -3.12 17.36
CA ASN B 110 -0.79 -3.32 17.61
C ASN B 110 -1.57 -3.32 16.29
N GLY B 111 -1.20 -2.45 15.36
CA GLY B 111 -1.86 -2.45 14.05
C GLY B 111 -1.61 -3.73 13.28
N LEU B 112 -0.40 -4.28 13.41
CA LEU B 112 -0.10 -5.58 12.80
C LEU B 112 -0.96 -6.69 13.40
N ALA B 113 -1.07 -6.74 14.72
CA ALA B 113 -1.86 -7.81 15.33
C ALA B 113 -3.36 -7.61 15.12
N GLN B 114 -3.81 -6.36 15.00
CA GLN B 114 -5.20 -6.10 14.66
C GLN B 114 -5.53 -6.56 13.25
N GLY B 115 -4.57 -6.43 12.33
CA GLY B 115 -4.75 -7.06 11.05
C GLY B 115 -4.77 -8.58 11.16
N LEU B 116 -4.01 -9.12 12.12
CA LEU B 116 -3.94 -10.58 12.28
C LEU B 116 -5.22 -11.13 12.87
N GLY B 117 -6.06 -10.28 13.44
CA GLY B 117 -7.27 -10.73 14.11
C GLY B 117 -8.30 -11.39 13.21
N TRP B 118 -8.83 -10.65 12.22
CA TRP B 118 -10.04 -11.06 11.50
C TRP B 118 -9.97 -12.26 10.54
N PRO B 119 -8.95 -12.44 9.67
CA PRO B 119 -8.99 -13.59 8.72
C PRO B 119 -9.02 -14.97 9.36
N PRO B 120 -8.45 -15.19 10.57
CA PRO B 120 -8.80 -16.45 11.26
C PRO B 120 -10.26 -16.60 11.61
N CYS B 121 -10.95 -15.52 12.00
CA CYS B 121 -12.38 -15.59 12.23
C CYS B 121 -13.12 -15.91 10.94
N GLY B 122 -12.65 -15.34 9.82
CA GLY B 122 -13.27 -15.64 8.54
C GLY B 122 -13.12 -17.10 8.15
N LYS B 123 -11.93 -17.67 8.38
CA LYS B 123 -11.72 -19.08 8.07
C LYS B 123 -12.54 -19.99 8.98
N VAL B 124 -12.64 -19.66 10.27
CA VAL B 124 -13.40 -20.52 11.18
C VAL B 124 -14.90 -20.42 10.91
N LEU B 125 -15.40 -19.22 10.56
CA LEU B 125 -16.80 -19.10 10.18
C LEU B 125 -17.10 -19.82 8.88
N ARG B 126 -16.14 -19.87 7.95
CA ARG B 126 -16.38 -20.64 6.74
C ARG B 126 -16.40 -22.14 7.03
N LYS B 127 -15.50 -22.62 7.90
CA LYS B 127 -15.43 -24.06 8.15
C LYS B 127 -16.59 -24.56 8.99
N TRP B 128 -17.07 -23.78 9.95
CA TRP B 128 -18.10 -24.28 10.85
C TRP B 128 -19.52 -24.04 10.37
N PHE B 129 -19.75 -23.02 9.55
CA PHE B 129 -21.10 -22.60 9.20
C PHE B 129 -21.35 -22.87 7.72
N GLU B 130 -22.41 -23.63 7.44
CA GLU B 130 -22.84 -23.82 6.07
C GLU B 130 -23.40 -22.49 5.55
N PRO B 131 -23.40 -22.28 4.22
CA PRO B 131 -23.84 -20.98 3.68
C PRO B 131 -25.31 -20.64 3.90
N SER B 132 -26.12 -21.55 4.44
CA SER B 132 -27.45 -21.20 4.90
C SER B 132 -27.42 -20.30 6.13
N GLN B 133 -26.32 -20.27 6.88
CA GLN B 133 -26.19 -19.44 8.05
C GLN B 133 -24.94 -18.58 8.06
N PHE B 134 -24.08 -18.69 7.05
CA PHE B 134 -22.77 -18.06 7.11
C PHE B 134 -22.83 -16.54 7.02
N GLY B 135 -23.78 -16.01 6.24
CA GLY B 135 -23.86 -14.56 6.10
C GLY B 135 -24.36 -13.87 7.36
N THR B 136 -25.38 -14.45 8.02
CA THR B 136 -25.91 -13.79 9.20
C THR B 136 -24.97 -13.89 10.39
N TRP B 137 -24.17 -14.95 10.48
CA TRP B 137 -23.23 -15.01 11.59
C TRP B 137 -21.95 -14.24 11.26
N TRP B 138 -21.63 -14.08 9.98
CA TRP B 138 -20.64 -13.09 9.58
C TRP B 138 -21.06 -11.69 10.01
N ALA B 139 -22.34 -11.38 9.84
CA ALA B 139 -22.86 -10.07 10.23
C ALA B 139 -22.83 -9.89 11.75
N ILE B 140 -23.25 -10.91 12.49
CA ILE B 140 -23.25 -10.81 13.95
C ILE B 140 -21.82 -10.77 14.49
N LEU B 141 -20.87 -11.40 13.81
CA LEU B 141 -19.49 -11.34 14.27
C LEU B 141 -18.86 -9.98 13.96
N SER B 142 -19.14 -9.41 12.79
CA SER B 142 -18.67 -8.06 12.49
C SER B 142 -19.44 -7.00 13.27
N THR B 143 -20.57 -7.35 13.87
CA THR B 143 -21.29 -6.46 14.77
C THR B 143 -20.55 -6.25 16.09
N SER B 144 -19.63 -7.16 16.45
CA SER B 144 -18.80 -6.94 17.63
C SER B 144 -17.87 -5.75 17.48
N MET B 145 -17.52 -5.38 16.25
CA MET B 145 -16.82 -4.12 15.99
C MET B 145 -17.67 -2.94 16.44
N ASN B 146 -18.95 -2.93 16.06
CA ASN B 146 -19.84 -1.86 16.49
C ASN B 146 -20.12 -1.93 17.99
N LEU B 147 -20.10 -3.13 18.57
CA LEU B 147 -20.30 -3.27 20.01
C LEU B 147 -19.14 -2.70 20.79
N ALA B 148 -17.91 -2.98 20.35
CA ALA B 148 -16.75 -2.41 21.02
C ALA B 148 -16.66 -0.91 20.78
N GLY B 149 -17.05 -0.44 19.59
CA GLY B 149 -17.07 1.00 19.36
C GLY B 149 -18.17 1.72 20.12
N GLY B 150 -19.25 1.02 20.47
CA GLY B 150 -20.30 1.63 21.25
C GLY B 150 -20.06 1.59 22.74
N LEU B 151 -19.36 0.55 23.21
CA LEU B 151 -18.98 0.46 24.62
C LEU B 151 -17.56 0.97 24.86
N GLY B 152 -16.93 1.55 23.86
CA GLY B 152 -15.64 2.17 23.99
C GLY B 152 -15.61 3.36 24.95
N PRO B 153 -16.27 4.47 24.59
CA PRO B 153 -16.20 5.65 25.46
C PRO B 153 -16.88 5.47 26.79
N ILE B 154 -17.90 4.61 26.90
CA ILE B 154 -18.60 4.41 28.16
C ILE B 154 -17.69 3.68 29.16
N LEU B 155 -17.16 2.52 28.76
CA LEU B 155 -16.22 1.80 29.63
C LEU B 155 -14.92 2.56 29.82
N ALA B 156 -14.53 3.36 28.83
CA ALA B 156 -13.33 4.17 28.98
C ALA B 156 -13.52 5.26 30.03
N THR B 157 -14.69 5.90 30.04
CA THR B 157 -14.97 6.92 31.04
C THR B 157 -15.12 6.31 32.43
N ILE B 158 -15.72 5.13 32.51
CA ILE B 158 -15.84 4.44 33.81
C ILE B 158 -14.47 4.02 34.34
N LEU B 159 -13.61 3.44 33.49
CA LEU B 159 -12.30 3.02 33.93
C LEU B 159 -11.36 4.20 34.18
N ALA B 160 -11.59 5.34 33.53
CA ALA B 160 -10.80 6.53 33.83
C ALA B 160 -11.27 7.19 35.12
N GLN B 161 -12.55 7.07 35.44
CA GLN B 161 -13.03 7.58 36.72
C GLN B 161 -12.59 6.69 37.87
N SER B 162 -12.48 5.39 37.64
CA SER B 162 -12.14 4.45 38.70
C SER B 162 -10.64 4.15 38.78
N TYR B 163 -9.93 4.20 37.66
CA TYR B 163 -8.51 3.90 37.65
C TYR B 163 -7.76 4.95 36.85
N SER B 164 -6.43 4.87 36.92
CA SER B 164 -5.57 5.66 36.06
C SER B 164 -5.50 5.02 34.68
N TRP B 165 -4.91 5.75 33.73
CA TRP B 165 -4.89 5.23 32.37
C TRP B 165 -3.80 4.18 32.18
N ARG B 166 -2.74 4.24 32.98
CA ARG B 166 -1.76 3.16 33.02
C ARG B 166 -2.42 1.86 33.45
N SER B 167 -3.17 1.90 34.56
CA SER B 167 -3.87 0.72 35.04
C SER B 167 -5.02 0.33 34.12
N THR B 168 -5.61 1.29 33.41
CA THR B 168 -6.66 0.96 32.45
C THR B 168 -6.12 0.14 31.30
N LEU B 169 -5.00 0.58 30.71
CA LEU B 169 -4.43 -0.21 29.62
C LEU B 169 -3.77 -1.48 30.12
N ALA B 170 -3.30 -1.50 31.37
CA ALA B 170 -2.80 -2.76 31.93
C ALA B 170 -3.92 -3.77 32.11
N LEU B 171 -5.10 -3.32 32.55
CA LEU B 171 -6.24 -4.22 32.67
C LEU B 171 -6.75 -4.66 31.30
N SER B 172 -6.71 -3.78 30.30
CA SER B 172 -7.11 -4.19 28.95
C SER B 172 -6.15 -5.21 28.37
N GLY B 173 -4.85 -5.01 28.58
CA GLY B 173 -3.87 -5.97 28.09
C GLY B 173 -3.92 -7.29 28.83
N ALA B 174 -4.15 -7.26 30.14
CA ALA B 174 -4.28 -8.50 30.90
C ALA B 174 -5.54 -9.26 30.52
N LEU B 175 -6.64 -8.52 30.28
CA LEU B 175 -7.87 -9.14 29.82
C LEU B 175 -7.69 -9.78 28.46
N CYS B 176 -6.96 -9.12 27.56
CA CYS B 176 -6.72 -9.72 26.25
C CYS B 176 -5.75 -10.88 26.29
N VAL B 177 -4.81 -10.91 27.23
CA VAL B 177 -3.96 -12.09 27.38
C VAL B 177 -4.76 -13.28 27.90
N VAL B 178 -5.60 -13.06 28.92
CA VAL B 178 -6.42 -14.14 29.46
C VAL B 178 -7.43 -14.64 28.44
N VAL B 179 -8.04 -13.73 27.68
CA VAL B 179 -8.98 -14.14 26.65
C VAL B 179 -8.26 -14.75 25.45
N SER B 180 -6.98 -14.41 25.24
CA SER B 180 -6.23 -15.09 24.18
C SER B 180 -5.92 -16.53 24.57
N PHE B 181 -5.63 -16.80 25.85
CA PHE B 181 -5.49 -18.19 26.26
C PHE B 181 -6.83 -18.93 26.23
N LEU B 182 -7.92 -18.23 26.57
CA LEU B 182 -9.24 -18.88 26.49
C LEU B 182 -9.66 -19.13 25.05
N CYS B 183 -9.22 -18.30 24.11
CA CYS B 183 -9.52 -18.52 22.70
C CYS B 183 -8.58 -19.53 22.05
N LEU B 184 -7.40 -19.74 22.63
CA LEU B 184 -6.63 -20.92 22.27
C LEU B 184 -7.30 -22.18 22.78
N LEU B 185 -7.95 -22.10 23.94
CA LEU B 185 -8.57 -23.29 24.52
C LEU B 185 -9.89 -23.65 23.82
N LEU B 186 -10.74 -22.66 23.56
CA LEU B 186 -12.14 -22.93 23.20
C LEU B 186 -12.38 -23.04 21.70
N ILE B 187 -11.65 -22.31 20.88
CA ILE B 187 -11.88 -22.32 19.44
C ILE B 187 -11.38 -23.62 18.84
N HIS B 188 -12.13 -24.17 17.88
CA HIS B 188 -11.64 -25.26 17.07
C HIS B 188 -11.72 -24.84 15.60
N ASN B 189 -10.78 -25.34 14.79
CA ASN B 189 -10.69 -24.91 13.40
C ASN B 189 -11.82 -25.48 12.56
N GLU B 190 -11.90 -26.79 12.49
CA GLU B 190 -12.84 -27.51 11.64
C GLU B 190 -13.51 -28.59 12.45
N PRO B 191 -14.69 -29.07 12.03
CA PRO B 191 -15.35 -30.17 12.76
C PRO B 191 -14.57 -31.48 12.76
N ALA B 192 -13.70 -31.70 11.78
CA ALA B 192 -12.87 -32.90 11.75
C ALA B 192 -11.86 -32.93 12.90
N ASP B 193 -11.58 -31.77 13.51
CA ASP B 193 -10.76 -31.75 14.71
C ASP B 193 -11.50 -32.33 15.91
N VAL B 194 -12.82 -32.18 15.97
CA VAL B 194 -13.57 -32.57 17.16
C VAL B 194 -14.38 -33.84 16.93
N GLY B 195 -14.12 -34.56 15.84
CA GLY B 195 -14.84 -35.78 15.56
C GLY B 195 -16.18 -35.60 14.87
N LEU B 196 -16.56 -34.37 14.56
CA LEU B 196 -17.80 -34.13 13.84
C LEU B 196 -17.56 -34.21 12.34
N ARG B 197 -18.66 -34.20 11.58
CA ARG B 197 -18.58 -34.31 10.13
C ARG B 197 -18.16 -32.97 9.55
N ASN B 198 -17.03 -32.94 8.87
CA ASN B 198 -16.56 -31.73 8.22
C ASN B 198 -17.36 -31.51 6.95
N LEU B 199 -17.75 -30.27 6.71
CA LEU B 199 -18.59 -29.96 5.56
C LEU B 199 -17.80 -29.43 4.38
N SER B 215 -7.84 -25.96 -5.50
CA SER B 215 -7.50 -25.02 -6.56
C SER B 215 -6.23 -24.27 -6.23
N THR B 216 -5.60 -23.69 -7.25
CA THR B 216 -4.33 -22.98 -7.06
C THR B 216 -4.58 -21.47 -6.96
N LEU B 217 -3.54 -20.77 -6.51
CA LEU B 217 -3.63 -19.33 -6.34
C LEU B 217 -3.69 -18.60 -7.68
N GLN B 218 -3.05 -19.15 -8.71
CA GLN B 218 -3.11 -18.54 -10.03
C GLN B 218 -4.51 -18.62 -10.62
N GLU B 219 -5.24 -19.69 -10.30
CA GLU B 219 -6.64 -19.80 -10.72
C GLU B 219 -7.51 -18.80 -9.98
N LEU B 220 -7.16 -18.47 -8.74
CA LEU B 220 -7.89 -17.44 -8.01
C LEU B 220 -7.61 -16.05 -8.54
N LEU B 221 -6.34 -15.74 -8.80
CA LEU B 221 -5.99 -14.41 -9.31
C LEU B 221 -6.49 -14.20 -10.73
N LEU B 222 -6.50 -15.25 -11.55
CA LEU B 222 -7.01 -15.15 -12.91
C LEU B 222 -8.52 -15.29 -12.98
N SER B 223 -9.19 -15.49 -11.86
CA SER B 223 -10.65 -15.58 -11.87
C SER B 223 -11.25 -14.19 -12.04
N PRO B 224 -12.17 -13.99 -12.98
CA PRO B 224 -12.74 -12.65 -13.18
C PRO B 224 -13.77 -12.28 -12.15
N TYR B 225 -14.35 -13.25 -11.44
CA TYR B 225 -15.34 -12.94 -10.42
C TYR B 225 -14.71 -12.21 -9.25
N LEU B 226 -13.48 -12.61 -8.88
CA LEU B 226 -12.76 -11.94 -7.81
C LEU B 226 -12.42 -10.50 -8.18
N TRP B 227 -12.10 -10.25 -9.44
CA TRP B 227 -11.73 -8.88 -9.78
C TRP B 227 -12.94 -8.00 -10.06
N VAL B 228 -14.08 -8.58 -10.47
CA VAL B 228 -15.27 -7.74 -10.55
C VAL B 228 -15.79 -7.47 -9.14
N LEU B 229 -15.56 -8.39 -8.21
CA LEU B 229 -15.89 -8.15 -6.81
C LEU B 229 -14.92 -7.11 -6.21
N SER B 230 -13.67 -7.14 -6.67
CA SER B 230 -12.67 -6.14 -6.31
C SER B 230 -13.11 -4.73 -6.72
N THR B 231 -13.52 -4.56 -7.97
CA THR B 231 -13.97 -3.25 -8.42
C THR B 231 -15.26 -2.83 -7.71
N GLY B 232 -16.14 -3.79 -7.42
CA GLY B 232 -17.36 -3.45 -6.68
C GLY B 232 -17.07 -3.00 -5.26
N TYR B 233 -16.14 -3.66 -4.59
CA TYR B 233 -15.81 -3.25 -3.23
C TYR B 233 -15.02 -1.96 -3.21
N LEU B 234 -14.24 -1.69 -4.26
CA LEU B 234 -13.58 -0.40 -4.40
C LEU B 234 -14.61 0.72 -4.51
N VAL B 235 -15.62 0.53 -5.37
CA VAL B 235 -16.66 1.55 -5.55
C VAL B 235 -17.47 1.75 -4.28
N VAL B 236 -17.90 0.64 -3.65
CA VAL B 236 -18.77 0.73 -2.48
C VAL B 236 -18.02 1.28 -1.27
N PHE B 237 -16.78 0.85 -1.06
CA PHE B 237 -16.03 1.37 0.08
C PHE B 237 -15.56 2.79 -0.17
N GLY B 238 -15.36 3.18 -1.44
CA GLY B 238 -15.09 4.57 -1.74
C GLY B 238 -16.26 5.48 -1.44
N VAL B 239 -17.47 5.04 -1.82
CA VAL B 239 -18.67 5.84 -1.54
C VAL B 239 -18.95 5.91 -0.04
N LYS B 240 -18.74 4.79 0.66
CA LYS B 240 -18.87 4.76 2.12
C LYS B 240 -17.88 5.70 2.79
N THR B 241 -16.62 5.69 2.34
CA THR B 241 -15.62 6.55 2.95
C THR B 241 -15.89 8.02 2.63
N CYS B 242 -16.36 8.31 1.40
CA CYS B 242 -16.73 9.67 1.01
C CYS B 242 -17.85 10.22 1.89
N CYS B 243 -18.95 9.47 2.03
CA CYS B 243 -20.06 9.99 2.81
C CYS B 243 -19.77 10.00 4.30
N THR B 244 -19.08 8.97 4.81
CA THR B 244 -18.76 8.90 6.24
C THR B 244 -17.77 9.98 6.64
N ASP B 245 -16.85 10.36 5.76
CA ASP B 245 -15.90 11.40 6.11
C ASP B 245 -16.37 12.80 5.73
N TRP B 246 -17.31 12.95 4.79
CA TRP B 246 -17.59 14.27 4.26
C TRP B 246 -19.07 14.62 4.22
N GLY B 247 -19.95 13.83 4.85
CA GLY B 247 -21.34 14.22 4.90
C GLY B 247 -21.58 15.38 5.84
N GLN B 248 -20.84 15.41 6.95
CA GLN B 248 -20.90 16.55 7.85
C GLN B 248 -20.41 17.82 7.16
N PHE B 249 -19.31 17.72 6.40
CA PHE B 249 -18.82 18.88 5.67
C PHE B 249 -19.72 19.27 4.51
N PHE B 250 -20.48 18.33 3.97
CA PHE B 250 -21.43 18.64 2.90
C PHE B 250 -22.70 19.27 3.46
N LEU B 251 -23.01 19.04 4.73
CA LEU B 251 -24.21 19.61 5.34
C LEU B 251 -23.96 20.90 6.09
N ILE B 252 -22.77 21.09 6.67
CA ILE B 252 -22.47 22.34 7.34
C ILE B 252 -22.21 23.45 6.32
N GLN B 253 -21.40 23.15 5.32
CA GLN B 253 -20.85 24.23 4.50
C GLN B 253 -21.78 24.62 3.38
N GLU B 254 -22.14 23.68 2.50
CA GLU B 254 -22.90 24.08 1.32
C GLU B 254 -24.39 24.21 1.63
N LYS B 255 -24.99 23.21 2.28
CA LYS B 255 -26.42 23.23 2.47
C LYS B 255 -26.86 23.94 3.75
N GLY B 256 -25.93 24.33 4.61
CA GLY B 256 -26.26 25.22 5.70
C GLY B 256 -27.00 24.60 6.86
N GLN B 257 -26.94 23.28 7.02
CA GLN B 257 -27.53 22.65 8.19
C GLN B 257 -26.63 22.87 9.40
N SER B 258 -27.18 22.64 10.58
CA SER B 258 -26.45 22.92 11.81
C SER B 258 -25.61 21.72 12.23
N ALA B 259 -24.72 21.95 13.21
CA ALA B 259 -23.79 20.92 13.65
C ALA B 259 -24.48 19.81 14.42
N LEU B 260 -25.58 20.13 15.10
CA LEU B 260 -26.41 19.10 15.71
C LEU B 260 -27.03 18.21 14.65
N VAL B 261 -27.46 18.81 13.52
CA VAL B 261 -28.05 18.04 12.43
C VAL B 261 -27.01 17.17 11.76
N GLY B 262 -25.78 17.68 11.60
CA GLY B 262 -24.72 16.86 11.02
C GLY B 262 -24.27 15.72 11.92
N SER B 263 -24.17 15.98 13.23
CA SER B 263 -23.78 14.92 14.15
C SER B 263 -24.86 13.86 14.28
N SER B 264 -26.13 14.27 14.33
CA SER B 264 -27.22 13.30 14.37
C SER B 264 -27.37 12.58 13.04
N TYR B 265 -27.00 13.23 11.93
CA TYR B 265 -26.94 12.56 10.64
C TYR B 265 -25.90 11.45 10.64
N MET B 266 -24.72 11.72 11.21
CA MET B 266 -23.68 10.71 11.21
C MET B 266 -24.03 9.56 12.16
N SER B 267 -24.67 9.88 13.29
CA SER B 267 -25.13 8.82 14.18
C SER B 267 -26.24 7.99 13.53
N ALA B 268 -27.13 8.63 12.77
CA ALA B 268 -28.16 7.90 12.05
C ALA B 268 -27.57 7.06 10.93
N LEU B 269 -26.49 7.52 10.31
CA LEU B 269 -25.82 6.71 9.30
C LEU B 269 -25.14 5.51 9.93
N GLU B 270 -24.59 5.66 11.14
CA GLU B 270 -23.98 4.52 11.82
C GLU B 270 -25.04 3.50 12.26
N VAL B 271 -26.17 3.97 12.77
CA VAL B 271 -27.24 3.06 13.18
C VAL B 271 -27.85 2.36 11.98
N GLY B 272 -28.10 3.10 10.90
CA GLY B 272 -28.57 2.50 9.67
C GLY B 272 -27.57 1.54 9.08
N GLY B 273 -26.28 1.79 9.26
CA GLY B 273 -25.28 0.85 8.79
C GLY B 273 -25.19 -0.42 9.61
N LEU B 274 -25.40 -0.31 10.92
CA LEU B 274 -25.49 -1.50 11.76
C LEU B 274 -26.67 -2.38 11.35
N VAL B 275 -27.84 -1.75 11.17
CA VAL B 275 -29.02 -2.47 10.69
C VAL B 275 -28.79 -2.99 9.28
N GLY B 276 -28.00 -2.28 8.47
CA GLY B 276 -27.71 -2.73 7.12
C GLY B 276 -26.84 -3.97 7.09
N SER B 277 -25.82 -4.03 7.94
CA SER B 277 -24.99 -5.23 8.04
C SER B 277 -25.80 -6.42 8.54
N ILE B 278 -26.60 -6.21 9.59
CA ILE B 278 -27.41 -7.30 10.16
C ILE B 278 -28.44 -7.81 9.15
N ALA B 279 -29.21 -6.90 8.55
CA ALA B 279 -30.24 -7.32 7.62
C ALA B 279 -29.65 -7.78 6.29
N ALA B 280 -28.45 -7.33 5.94
CA ALA B 280 -27.79 -7.86 4.76
C ALA B 280 -27.39 -9.31 4.95
N GLY B 281 -26.78 -9.62 6.11
CA GLY B 281 -26.47 -11.01 6.42
C GLY B 281 -27.70 -11.90 6.53
N TYR B 282 -28.75 -11.40 7.19
CA TYR B 282 -29.92 -12.24 7.42
C TYR B 282 -30.74 -12.43 6.15
N LEU B 283 -30.98 -11.35 5.38
CA LEU B 283 -31.74 -11.50 4.15
C LEU B 283 -30.93 -12.22 3.08
N SER B 284 -29.59 -12.15 3.15
CA SER B 284 -28.77 -12.91 2.24
C SER B 284 -28.83 -14.39 2.55
N ASP B 285 -28.84 -14.76 3.83
CA ASP B 285 -28.99 -16.18 4.16
C ASP B 285 -30.41 -16.67 3.91
N ARG B 286 -31.41 -15.79 4.02
CA ARG B 286 -32.76 -16.17 3.60
C ARG B 286 -32.82 -16.43 2.11
N ALA B 287 -32.17 -15.58 1.31
CA ALA B 287 -32.13 -15.80 -0.14
C ALA B 287 -31.27 -17.02 -0.50
N MET B 288 -30.30 -17.36 0.34
CA MET B 288 -29.49 -18.55 0.09
C MET B 288 -30.26 -19.82 0.42
N ALA B 289 -31.00 -19.83 1.53
CA ALA B 289 -31.77 -21.01 1.90
C ALA B 289 -33.02 -21.16 1.03
N LYS B 290 -33.55 -20.06 0.50
CA LYS B 290 -34.71 -20.17 -0.38
C LYS B 290 -34.32 -20.65 -1.78
N ALA B 291 -33.05 -20.53 -2.14
CA ALA B 291 -32.59 -21.01 -3.43
C ALA B 291 -31.41 -21.96 -3.29
N TYR B 296 -29.55 -20.23 -10.62
CA TYR B 296 -29.64 -18.90 -11.20
C TYR B 296 -28.42 -18.07 -10.82
N GLY B 297 -27.29 -18.73 -10.63
CA GLY B 297 -26.10 -18.04 -10.20
C GLY B 297 -26.05 -17.89 -8.69
N ASN B 298 -25.35 -16.86 -8.24
CA ASN B 298 -25.15 -16.62 -6.81
C ASN B 298 -26.42 -16.01 -6.22
N PRO B 299 -26.98 -16.58 -5.16
CA PRO B 299 -28.17 -16.00 -4.54
C PRO B 299 -27.90 -14.73 -3.73
N ARG B 300 -26.64 -14.37 -3.51
CA ARG B 300 -26.32 -13.17 -2.75
C ARG B 300 -26.23 -11.93 -3.62
N HIS B 301 -26.57 -12.02 -4.90
CA HIS B 301 -26.47 -10.87 -5.78
C HIS B 301 -27.76 -10.06 -5.82
N GLY B 302 -28.91 -10.71 -5.65
CA GLY B 302 -30.18 -10.02 -5.72
C GLY B 302 -30.42 -9.07 -4.56
N LEU B 303 -29.75 -9.30 -3.43
CA LEU B 303 -29.77 -8.36 -2.33
C LEU B 303 -28.69 -7.30 -2.46
N LEU B 304 -27.51 -7.73 -2.94
CA LEU B 304 -26.35 -6.85 -3.05
C LEU B 304 -26.57 -5.74 -4.07
N LEU B 305 -27.10 -6.07 -5.23
CA LEU B 305 -27.33 -5.02 -6.23
C LEU B 305 -28.52 -4.16 -5.87
N PHE B 306 -29.51 -4.70 -5.17
CA PHE B 306 -30.59 -3.86 -4.67
C PHE B 306 -30.08 -2.89 -3.61
N MET B 307 -29.09 -3.30 -2.82
CA MET B 307 -28.52 -2.37 -1.85
C MET B 307 -27.60 -1.35 -2.51
N MET B 308 -26.92 -1.71 -3.59
CA MET B 308 -26.16 -0.66 -4.30
C MET B 308 -27.10 0.31 -5.02
N ALA B 309 -28.24 -0.17 -5.50
CA ALA B 309 -29.24 0.72 -6.08
C ALA B 309 -29.83 1.64 -5.02
N GLY B 310 -30.07 1.11 -3.82
CA GLY B 310 -30.52 1.94 -2.71
C GLY B 310 -29.47 2.96 -2.27
N MET B 311 -28.19 2.58 -2.37
CA MET B 311 -27.09 3.53 -2.14
C MET B 311 -27.13 4.69 -3.13
N THR B 312 -27.29 4.39 -4.42
CA THR B 312 -27.32 5.43 -5.44
C THR B 312 -28.57 6.32 -5.31
N VAL B 313 -29.73 5.72 -5.01
CA VAL B 313 -30.95 6.49 -4.81
C VAL B 313 -30.83 7.38 -3.57
N SER B 314 -30.23 6.86 -2.50
CA SER B 314 -30.07 7.67 -1.30
C SER B 314 -29.07 8.81 -1.51
N MET B 315 -28.04 8.58 -2.33
CA MET B 315 -27.12 9.67 -2.64
C MET B 315 -27.78 10.74 -3.51
N TYR B 316 -28.63 10.32 -4.45
CA TYR B 316 -29.36 11.29 -5.28
C TYR B 316 -30.30 12.12 -4.43
N LEU B 317 -31.05 11.47 -3.55
CA LEU B 317 -31.97 12.19 -2.67
C LEU B 317 -31.23 13.07 -1.67
N PHE B 318 -30.02 12.67 -1.27
CA PHE B 318 -29.26 13.48 -0.34
C PHE B 318 -28.58 14.65 -1.02
N ARG B 319 -28.24 14.52 -2.29
CA ARG B 319 -27.58 15.61 -2.99
C ARG B 319 -28.59 16.64 -3.51
N VAL B 320 -29.76 16.19 -3.94
CA VAL B 320 -30.69 17.07 -4.64
C VAL B 320 -31.81 17.55 -3.73
N THR B 321 -32.42 16.67 -2.95
CA THR B 321 -33.64 17.03 -2.23
C THR B 321 -33.35 17.73 -0.91
N VAL B 322 -32.21 17.43 -0.28
CA VAL B 322 -31.83 18.12 0.96
C VAL B 322 -31.46 19.57 0.65
N THR B 323 -32.08 20.50 1.38
CA THR B 323 -31.83 21.93 1.17
C THR B 323 -31.64 22.54 2.56
N SER B 324 -31.55 23.87 2.68
CA SER B 324 -31.47 24.49 3.99
C SER B 324 -32.78 24.36 4.77
N ASP B 325 -33.91 24.30 4.06
CA ASP B 325 -35.21 24.18 4.69
C ASP B 325 -35.70 22.74 4.78
N SER B 326 -34.85 21.77 4.51
CA SER B 326 -35.25 20.37 4.60
C SER B 326 -35.34 19.96 6.07
N PRO B 327 -36.40 19.25 6.45
CA PRO B 327 -36.59 18.92 7.86
C PRO B 327 -35.59 17.89 8.37
N LYS B 328 -35.55 17.78 9.70
CA LYS B 328 -34.62 16.87 10.36
C LYS B 328 -34.98 15.41 10.11
N LEU B 329 -36.28 15.10 10.03
CA LEU B 329 -36.72 13.72 9.86
C LEU B 329 -36.31 13.17 8.50
N TRP B 330 -36.39 14.00 7.46
CA TRP B 330 -36.04 13.54 6.12
C TRP B 330 -34.54 13.30 5.99
N ILE B 331 -33.73 14.13 6.63
CA ILE B 331 -32.29 13.93 6.49
C ILE B 331 -31.82 12.77 7.37
N LEU B 332 -32.51 12.49 8.49
CA LEU B 332 -32.19 11.28 9.23
C LEU B 332 -32.66 10.03 8.49
N VAL B 333 -33.78 10.12 7.77
CA VAL B 333 -34.22 9.02 6.91
C VAL B 333 -33.21 8.74 5.82
N LEU B 334 -32.66 9.79 5.20
CA LEU B 334 -31.65 9.57 4.16
C LEU B 334 -30.34 9.05 4.74
N GLY B 335 -29.99 9.46 5.96
CA GLY B 335 -28.85 8.86 6.63
C GLY B 335 -29.05 7.37 6.90
N ALA B 336 -30.23 6.99 7.38
CA ALA B 336 -30.49 5.59 7.68
C ALA B 336 -30.61 4.75 6.41
N VAL B 337 -31.17 5.33 5.33
CA VAL B 337 -31.28 4.59 4.07
C VAL B 337 -29.91 4.43 3.43
N PHE B 338 -29.04 5.42 3.56
CA PHE B 338 -27.69 5.24 3.06
C PHE B 338 -26.90 4.27 3.92
N GLY B 339 -27.14 4.27 5.24
CA GLY B 339 -26.45 3.31 6.09
C GLY B 339 -26.87 1.88 5.82
N PHE B 340 -28.18 1.66 5.67
CA PHE B 340 -28.72 0.35 5.31
C PHE B 340 -28.25 -0.12 3.94
N SER B 341 -27.84 0.81 3.07
CA SER B 341 -27.44 0.47 1.71
C SER B 341 -25.95 0.65 1.47
N SER B 342 -25.15 0.90 2.50
CA SER B 342 -23.71 1.00 2.30
C SER B 342 -22.92 0.00 3.12
N TYR B 343 -23.22 -0.16 4.41
CA TYR B 343 -22.51 -1.18 5.16
C TYR B 343 -23.01 -2.57 4.82
N GLY B 344 -24.24 -2.66 4.33
CA GLY B 344 -24.79 -3.86 3.75
C GLY B 344 -23.99 -4.46 2.62
N PRO B 345 -23.71 -3.70 1.56
CA PRO B 345 -22.83 -4.22 0.51
C PRO B 345 -21.41 -4.47 0.94
N ILE B 346 -20.90 -3.78 1.96
CA ILE B 346 -19.57 -4.11 2.47
C ILE B 346 -19.57 -5.46 3.16
N ALA B 347 -20.60 -5.74 3.96
CA ALA B 347 -20.73 -7.04 4.60
C ALA B 347 -20.97 -8.14 3.57
N LEU B 348 -21.74 -7.85 2.51
CA LEU B 348 -21.97 -8.86 1.50
C LEU B 348 -20.76 -9.10 0.63
N PHE B 349 -19.95 -8.07 0.38
CA PHE B 349 -18.69 -8.28 -0.32
C PHE B 349 -17.71 -9.08 0.52
N GLY B 350 -17.74 -8.89 1.84
CA GLY B 350 -16.94 -9.74 2.71
C GLY B 350 -17.41 -11.18 2.69
N VAL B 351 -18.72 -11.41 2.71
CA VAL B 351 -19.27 -12.76 2.67
C VAL B 351 -18.95 -13.43 1.34
N ILE B 352 -19.16 -12.73 0.24
CA ILE B 352 -18.91 -13.30 -1.09
C ILE B 352 -17.42 -13.50 -1.34
N ALA B 353 -16.57 -12.63 -0.78
CA ALA B 353 -15.13 -12.82 -0.89
C ALA B 353 -14.67 -14.02 -0.07
N ASN B 354 -15.25 -14.24 1.10
CA ASN B 354 -14.91 -15.43 1.86
C ASN B 354 -15.57 -16.68 1.30
N GLU B 355 -16.56 -16.52 0.42
CA GLU B 355 -17.39 -17.63 -0.03
C GLU B 355 -17.05 -18.10 -1.44
N SER B 356 -16.72 -17.18 -2.35
CA SER B 356 -16.47 -17.57 -3.74
C SER B 356 -15.16 -18.33 -3.91
N ALA B 357 -14.25 -18.23 -2.98
CA ALA B 357 -12.96 -18.88 -3.05
C ALA B 357 -13.02 -20.28 -2.47
N PRO B 358 -12.09 -21.16 -2.83
CA PRO B 358 -11.98 -22.46 -2.16
C PRO B 358 -11.58 -22.29 -0.70
N PRO B 359 -11.87 -23.28 0.16
CA PRO B 359 -11.61 -23.10 1.60
C PRO B 359 -10.14 -22.98 1.99
N ASN B 360 -9.21 -23.35 1.12
CA ASN B 360 -7.79 -23.14 1.38
C ASN B 360 -7.28 -21.82 0.81
N LEU B 361 -8.11 -21.09 0.08
CA LEU B 361 -7.70 -19.83 -0.54
C LEU B 361 -8.68 -18.71 -0.24
N CYS B 362 -9.49 -18.86 0.80
CA CYS B 362 -10.51 -17.86 1.10
C CYS B 362 -9.90 -16.60 1.71
N GLY B 363 -8.90 -16.76 2.58
CA GLY B 363 -8.25 -15.62 3.19
C GLY B 363 -7.51 -14.73 2.20
N THR B 364 -6.99 -15.32 1.11
CA THR B 364 -6.38 -14.51 0.07
C THR B 364 -7.42 -13.67 -0.66
N SER B 365 -8.61 -14.24 -0.89
CA SER B 365 -9.70 -13.50 -1.54
C SER B 365 -10.17 -12.34 -0.68
N HIS B 366 -10.39 -12.59 0.61
CA HIS B 366 -10.78 -11.51 1.51
C HIS B 366 -9.64 -10.52 1.72
N ALA B 367 -8.39 -10.95 1.56
CA ALA B 367 -7.25 -10.06 1.67
C ALA B 367 -7.14 -9.14 0.46
N ILE B 368 -7.44 -9.65 -0.74
CA ILE B 368 -7.46 -8.82 -1.93
C ILE B 368 -8.59 -7.80 -1.85
N VAL B 369 -9.73 -8.21 -1.29
CA VAL B 369 -10.81 -7.25 -1.05
C VAL B 369 -10.42 -6.21 0.00
N GLY B 370 -9.61 -6.58 1.00
CA GLY B 370 -9.08 -5.57 1.92
C GLY B 370 -8.07 -4.63 1.27
N LEU B 371 -7.31 -5.14 0.31
CA LEU B 371 -6.43 -4.28 -0.48
C LEU B 371 -7.25 -3.27 -1.28
N MET B 372 -8.42 -3.70 -1.76
CA MET B 372 -9.32 -2.76 -2.44
C MET B 372 -9.94 -1.77 -1.47
N ALA B 373 -10.14 -2.17 -0.20
CA ALA B 373 -10.53 -1.20 0.82
C ALA B 373 -9.50 -0.11 0.96
N ASN B 374 -8.21 -0.49 0.95
CA ASN B 374 -7.14 0.50 1.07
C ASN B 374 -7.10 1.43 -0.15
N VAL B 375 -7.26 0.87 -1.36
CA VAL B 375 -7.23 1.69 -2.57
C VAL B 375 -8.45 2.62 -2.64
N GLY B 376 -9.63 2.12 -2.29
CA GLY B 376 -10.81 2.97 -2.29
C GLY B 376 -10.79 4.01 -1.20
N GLY B 377 -10.18 3.70 -0.06
CA GLY B 377 -10.00 4.70 0.97
C GLY B 377 -9.04 5.79 0.58
N PHE B 378 -8.01 5.45 -0.19
CA PHE B 378 -7.15 6.50 -0.74
C PHE B 378 -7.89 7.36 -1.76
N LEU B 379 -8.60 6.74 -2.71
CA LEU B 379 -9.30 7.51 -3.73
C LEU B 379 -10.49 8.28 -3.18
N ALA B 380 -10.95 7.95 -1.98
CA ALA B 380 -12.06 8.66 -1.36
C ALA B 380 -11.64 9.67 -0.31
N GLY B 381 -10.47 9.50 0.30
CA GLY B 381 -10.09 10.46 1.31
C GLY B 381 -9.60 11.80 0.80
N LEU B 382 -8.43 11.81 0.16
CA LEU B 382 -7.78 13.06 -0.22
C LEU B 382 -8.18 13.68 -1.58
N PRO B 383 -8.35 12.93 -2.68
CA PRO B 383 -8.80 13.59 -3.92
C PRO B 383 -10.23 14.07 -3.88
N PHE B 384 -11.09 13.46 -3.05
CA PHE B 384 -12.45 13.93 -2.92
C PHE B 384 -12.50 15.30 -2.28
N SER B 385 -11.62 15.56 -1.32
CA SER B 385 -11.51 16.90 -0.74
C SER B 385 -11.00 17.91 -1.76
N THR B 386 -10.15 17.49 -2.70
CA THR B 386 -9.66 18.39 -3.72
C THR B 386 -10.75 18.74 -4.73
N ILE B 387 -11.50 17.74 -5.19
CA ILE B 387 -12.65 17.95 -6.07
C ILE B 387 -13.69 18.82 -5.40
N ALA B 388 -13.86 18.65 -4.09
CA ALA B 388 -14.82 19.45 -3.34
C ALA B 388 -14.34 20.89 -3.18
N LYS B 389 -13.05 21.08 -2.93
CA LYS B 389 -12.52 22.40 -2.67
C LYS B 389 -12.45 23.25 -3.94
N HIS B 390 -12.04 22.65 -5.05
CA HIS B 390 -11.88 23.46 -6.26
C HIS B 390 -13.19 23.73 -6.97
N TYR B 391 -14.08 22.74 -7.07
CA TYR B 391 -15.30 22.99 -7.81
C TYR B 391 -16.43 23.45 -6.89
N SER B 392 -16.89 22.54 -6.03
CA SER B 392 -17.93 22.72 -5.01
C SER B 392 -18.08 21.36 -4.33
N TRP B 393 -18.78 21.35 -3.20
CA TRP B 393 -19.08 20.08 -2.53
C TRP B 393 -20.11 19.28 -3.31
N SER B 394 -21.08 19.95 -3.92
CA SER B 394 -22.10 19.27 -4.71
C SER B 394 -21.51 18.61 -5.94
N THR B 395 -20.50 19.23 -6.55
CA THR B 395 -19.83 18.61 -7.68
C THR B 395 -19.07 17.36 -7.26
N ALA B 396 -18.51 17.37 -6.04
CA ALA B 396 -17.78 16.21 -5.56
C ALA B 396 -18.71 15.04 -5.28
N PHE B 397 -19.81 15.29 -4.56
CA PHE B 397 -20.78 14.21 -4.36
C PHE B 397 -21.51 13.83 -5.64
N TRP B 398 -21.57 14.72 -6.63
CA TRP B 398 -22.06 14.31 -7.93
C TRP B 398 -21.09 13.37 -8.64
N VAL B 399 -19.79 13.59 -8.48
CA VAL B 399 -18.79 12.68 -9.03
C VAL B 399 -18.88 11.32 -8.36
N ALA B 400 -19.03 11.30 -7.03
CA ALA B 400 -19.18 10.04 -6.31
C ALA B 400 -20.46 9.31 -6.69
N GLU B 401 -21.56 10.06 -6.87
CA GLU B 401 -22.81 9.47 -7.29
C GLU B 401 -22.75 8.94 -8.71
N VAL B 402 -22.05 9.65 -9.61
CA VAL B 402 -21.93 9.18 -11.00
C VAL B 402 -21.06 7.94 -11.08
N ILE B 403 -19.98 7.87 -10.30
CA ILE B 403 -19.16 6.66 -10.27
C ILE B 403 -19.92 5.48 -9.69
N CYS B 404 -20.70 5.72 -8.62
CA CYS B 404 -21.50 4.66 -8.03
C CYS B 404 -22.64 4.21 -8.95
N ALA B 405 -23.27 5.16 -9.65
CA ALA B 405 -24.39 4.81 -10.53
C ALA B 405 -23.90 4.09 -11.77
N ALA B 406 -22.78 4.53 -12.34
CA ALA B 406 -22.20 3.83 -13.48
C ALA B 406 -21.75 2.43 -13.09
N SER B 407 -21.18 2.27 -11.89
CA SER B 407 -20.76 0.96 -11.42
C SER B 407 -21.96 0.04 -11.19
N THR B 408 -23.01 0.56 -10.53
CA THR B 408 -24.19 -0.24 -10.23
C THR B 408 -24.95 -0.63 -11.50
N ALA B 409 -25.09 0.30 -12.46
CA ALA B 409 -25.66 -0.04 -13.74
C ALA B 409 -24.80 -1.05 -14.49
N ALA B 410 -23.47 -0.98 -14.33
CA ALA B 410 -22.60 -1.97 -14.93
C ALA B 410 -22.82 -3.35 -14.32
N PHE B 411 -23.07 -3.40 -13.00
CA PHE B 411 -23.32 -4.71 -12.39
C PHE B 411 -24.67 -5.28 -12.78
N PHE B 412 -25.69 -4.42 -12.94
CA PHE B 412 -26.97 -4.92 -13.44
C PHE B 412 -26.84 -5.44 -14.86
N LEU B 413 -26.06 -4.75 -15.70
CA LEU B 413 -25.80 -5.26 -17.05
C LEU B 413 -25.01 -6.56 -17.03
N LEU B 414 -24.05 -6.70 -16.09
CA LEU B 414 -23.25 -7.92 -16.03
C LEU B 414 -24.07 -9.12 -15.58
N ARG B 415 -24.90 -8.96 -14.53
CA ARG B 415 -25.67 -10.12 -14.11
C ARG B 415 -26.84 -10.40 -15.05
N ALA B 416 -27.35 -9.39 -15.77
CA ALA B 416 -28.32 -9.68 -16.81
C ALA B 416 -27.68 -10.43 -17.97
N GLU B 417 -26.43 -10.08 -18.30
CA GLU B 417 -25.69 -10.81 -19.32
C GLU B 417 -25.40 -12.24 -18.87
N GLU B 418 -25.13 -12.45 -17.58
CA GLU B 418 -24.87 -13.81 -17.11
C GLU B 418 -26.15 -14.64 -17.03
N GLU B 419 -27.29 -14.01 -16.76
CA GLU B 419 -28.56 -14.71 -16.90
C GLU B 419 -28.82 -15.08 -18.36
N LYS B 420 -28.43 -14.20 -19.29
CA LYS B 420 -28.52 -14.54 -20.71
C LYS B 420 -27.60 -15.70 -21.08
N ARG B 421 -26.41 -15.75 -20.49
CA ARG B 421 -25.50 -16.86 -20.76
C ARG B 421 -26.02 -18.17 -20.20
N LYS B 422 -26.59 -18.14 -18.99
CA LYS B 422 -27.18 -19.34 -18.42
C LYS B 422 -28.47 -19.74 -19.13
N ALA B 423 -29.11 -18.82 -19.84
CA ALA B 423 -30.21 -19.21 -20.71
C ALA B 423 -29.72 -19.77 -22.04
N GLU B 424 -28.60 -19.26 -22.56
CA GLU B 424 -28.10 -19.75 -23.85
C GLU B 424 -27.42 -21.10 -23.73
N GLU B 425 -26.89 -21.45 -22.56
CA GLU B 425 -26.30 -22.77 -22.41
C GLU B 425 -27.36 -23.87 -22.36
N GLU B 426 -28.61 -23.52 -22.07
CA GLU B 426 -29.70 -24.48 -22.04
C GLU B 426 -30.20 -24.78 -23.44
C1 G6P C . 11.62 1.30 -9.42
C2 G6P C . 12.68 0.83 -10.43
C3 G6P C . 13.95 1.60 -10.33
C4 G6P C . 13.74 3.09 -10.34
C5 G6P C . 12.75 3.52 -9.25
C6 G6P C . 12.51 4.99 -9.37
O1 G6P C . 11.96 0.84 -8.18
O2 G6P C . 12.96 -0.55 -10.19
O3 G6P C . 14.81 1.23 -11.44
O4 G6P C . 15.00 3.74 -10.11
O5 G6P C . 11.48 2.80 -9.37
O6 G6P C . 11.63 5.41 -8.35
P G6P C . 11.54 7.02 -7.97
O1P G6P C . 12.84 7.48 -7.36
O2P G6P C . 10.41 7.26 -6.99
O3P G6P C . 11.27 7.82 -9.24
C1 G6P D . -11.56 -5.61 7.83
C2 G6P D . -12.58 -6.66 8.27
C3 G6P D . -13.88 -6.05 8.68
C4 G6P D . -13.73 -4.94 9.67
C5 G6P D . -12.78 -3.86 9.14
C6 G6P D . -12.59 -2.82 10.20
O1 G6P D . -11.89 -5.16 6.59
O2 G6P D . -12.82 -7.56 7.18
O3 G6P D . -14.71 -7.10 9.27
O4 G6P D . -15.01 -4.34 9.90
O5 G6P D . -11.47 -4.44 8.78
O6 G6P D . -11.74 -1.80 9.70
P G6P D . -11.72 -0.33 10.47
O1P G6P D . -13.05 0.36 10.28
O2P G6P D . -10.62 0.53 9.89
O3P G6P D . -11.47 -0.55 11.95
#